data_1OLM
#
_entry.id   1OLM
#
_cell.length_a   60.856
_cell.length_b   84.621
_cell.length_c   87.452
_cell.angle_alpha   116.20
_cell.angle_beta   102.64
_cell.angle_gamma   100.24
#
_symmetry.space_group_name_H-M   'P 1'
#
loop_
_entity.id
_entity.type
_entity.pdbx_description
1 polymer 'SEC14-LIKE PROTEIN 2'
2 polymer 'SEC14-LIKE PROTEIN 2'
3 non-polymer RRR-ALPHA-TOCOPHERYLQUINONE
4 water water
#
loop_
_entity_poly.entity_id
_entity_poly.type
_entity_poly.pdbx_seq_one_letter_code
_entity_poly.pdbx_strand_id
1 'polypeptide(L)'
;MSGRVGDLSPRQKEALAKFRENVQDVLPALPNPDDYFLLRWLRARSFDLQKSEAMLRKHVEFRKQKDIDNIISWQPPEVI
QQYLSGGMCGYDLDGCPVWYDIIGPLDAKGLLFSASKQDLLRTKMRECELLLQECAHQTTKLGRKVETITIIYDCEGLGL
KHLWKPAVEAYGEFLCMFEENYPETLKRLFVVKAPKLFPVAYNLIKPFLSEDTRKKIMVLGANWKEVLLKHISPDQVPVE
YGGTMTDPDGNPKCKSKINYGGDIPRKYYVRDQVKQQYEHSVQISRGSSHQVEYEILFPGCVLRWQFMSDGADVGFGIFL
KTKMGERQRAGEMTEVLPNQRYNSHLVPEDGTLTCSDPGIYVLRFDNTYSFIHAKKVNFTVEVLLPDKASEEKMKQLGAG
TPK
;
A,C
2 'polypeptide(L)'
;MSGRVGDLSPRQKEALAKFRENVQDVLPALPNPDDYFLLRWLRARSFDLQKSEAMLRKHVEFRKQKDIDNIISWQPPEVI
QQYLSGGMCGYDLDGCPVWYDIIGPLDAKGLLFSASKQDLLRTKMRECELLLQECAHQTTKLGRKVETITIIYDCEGLGL
KHLWKPAVEAYGEFLCMFEENYPETLKRLFVVKAPKLFPVAYNLIKPFLSEDTRKKIMVLGANWKEVLLKHISPDQVPVE
YGGTMTDPDGNPKCKSKINYGGDIPRKYYVRDQVKQQYEHSVQISRGSSHQVEYEILFPGCVLRWQFMSDGADVGFGIFL
KKKMGERQRAGEMTEVLPNQRYNSHLVPEDGTLTCSDPGIYVLRFDNTYSFIHAKKVNFTVEVLLPDKASEEKMKQLGAG
TPK
;
E
#
# COMPACT_ATOMS: atom_id res chain seq x y z
N MET A 1 -47.18 5.25 -0.69
CA MET A 1 -47.91 4.04 -1.16
C MET A 1 -46.97 2.84 -1.25
N SER A 2 -47.31 1.88 -2.11
CA SER A 2 -46.60 0.60 -2.13
C SER A 2 -46.19 0.21 -3.55
N GLY A 3 -46.76 0.90 -4.54
CA GLY A 3 -46.48 0.60 -5.93
C GLY A 3 -47.08 -0.70 -6.43
N ARG A 4 -48.15 -1.14 -5.80
CA ARG A 4 -48.81 -2.39 -6.16
C ARG A 4 -50.20 -2.10 -6.74
N VAL A 5 -50.72 -3.01 -7.56
CA VAL A 5 -52.13 -2.91 -8.00
C VAL A 5 -53.06 -2.69 -6.82
N GLY A 6 -53.93 -1.69 -6.94
CA GLY A 6 -54.86 -1.37 -5.88
C GLY A 6 -54.34 -0.35 -4.90
N ASP A 7 -53.06 0.02 -5.03
CA ASP A 7 -52.44 0.93 -4.09
C ASP A 7 -51.40 1.82 -4.77
N LEU A 8 -51.77 2.44 -5.89
CA LEU A 8 -50.82 3.27 -6.64
C LEU A 8 -51.07 4.74 -6.37
N SER A 9 -49.99 5.49 -6.14
CA SER A 9 -50.12 6.94 -6.08
C SER A 9 -50.44 7.46 -7.47
N PRO A 10 -50.93 8.69 -7.56
CA PRO A 10 -51.12 9.35 -8.86
C PRO A 10 -49.89 9.24 -9.77
N ARG A 11 -48.71 9.43 -9.21
CA ARG A 11 -47.47 9.42 -9.97
C ARG A 11 -47.10 8.02 -10.46
N GLN A 12 -47.36 7.00 -9.63
CA GLN A 12 -47.08 5.63 -10.04
C GLN A 12 -48.08 5.18 -11.12
N LYS A 13 -49.32 5.65 -10.98
CA LYS A 13 -50.35 5.36 -11.95
C LYS A 13 -49.96 5.90 -13.32
N GLU A 14 -49.46 7.14 -13.34
CA GLU A 14 -49.07 7.78 -14.60
C GLU A 14 -47.88 7.03 -15.21
N ALA A 15 -46.89 6.69 -14.39
CA ALA A 15 -45.73 5.91 -14.85
C ALA A 15 -46.08 4.54 -15.41
N LEU A 16 -47.00 3.82 -14.76
CA LEU A 16 -47.51 2.57 -15.30
C LEU A 16 -48.12 2.75 -16.70
N ALA A 17 -49.00 3.74 -16.86
CA ALA A 17 -49.55 4.03 -18.18
C ALA A 17 -48.46 4.32 -19.22
N LYS A 18 -47.56 5.25 -18.91
CA LYS A 18 -46.44 5.58 -19.81
C LYS A 18 -45.57 4.35 -20.12
N PHE A 19 -45.28 3.57 -19.08
CA PHE A 19 -44.48 2.37 -19.22
C PHE A 19 -45.04 1.40 -20.25
N ARG A 20 -46.32 1.09 -20.14
CA ARG A 20 -46.99 0.23 -21.10
C ARG A 20 -46.84 0.77 -22.54
N GLU A 21 -47.05 2.08 -22.73
CA GLU A 21 -46.86 2.68 -24.05
C GLU A 21 -45.45 2.49 -24.53
N ASN A 22 -44.49 2.70 -23.62
CA ASN A 22 -43.08 2.72 -23.98
C ASN A 22 -42.60 1.35 -24.41
N VAL A 23 -43.20 0.29 -23.88
CA VAL A 23 -42.74 -1.06 -24.22
C VAL A 23 -43.78 -1.85 -25.00
N GLN A 24 -44.84 -1.17 -25.44
CA GLN A 24 -45.87 -1.79 -26.27
C GLN A 24 -45.30 -2.81 -27.26
N ASP A 25 -44.16 -2.49 -27.87
CA ASP A 25 -43.66 -3.26 -29.00
C ASP A 25 -43.14 -4.66 -28.60
N VAL A 26 -42.84 -4.88 -27.32
CA VAL A 26 -42.46 -6.23 -26.90
C VAL A 26 -43.56 -6.98 -26.16
N LEU A 27 -44.71 -6.36 -25.93
CA LEU A 27 -45.71 -6.99 -25.06
C LEU A 27 -46.36 -8.24 -25.69
N PRO A 28 -46.60 -8.24 -27.01
CA PRO A 28 -47.14 -9.42 -27.71
C PRO A 28 -46.35 -10.72 -27.47
N ALA A 29 -45.02 -10.65 -27.42
CA ALA A 29 -44.22 -11.87 -27.28
C ALA A 29 -44.08 -12.30 -25.82
N LEU A 30 -44.88 -11.70 -24.94
CA LEU A 30 -44.95 -12.14 -23.55
C LEU A 30 -46.25 -12.89 -23.30
N PRO A 31 -46.20 -13.92 -22.46
CA PRO A 31 -47.38 -14.75 -22.13
C PRO A 31 -48.54 -13.95 -21.55
N ASN A 32 -48.29 -13.09 -20.56
CA ASN A 32 -49.37 -12.37 -19.89
C ASN A 32 -48.92 -11.03 -19.30
N PRO A 33 -48.76 -10.02 -20.14
CA PRO A 33 -48.20 -8.73 -19.70
C PRO A 33 -49.27 -7.83 -19.11
N ASP A 34 -49.95 -8.31 -18.07
CA ASP A 34 -50.91 -7.46 -17.37
C ASP A 34 -50.24 -6.43 -16.47
N ASP A 35 -51.06 -5.67 -15.74
CA ASP A 35 -50.54 -4.64 -14.84
C ASP A 35 -49.64 -5.22 -13.75
N TYR A 36 -50.01 -6.37 -13.20
CA TYR A 36 -49.17 -7.02 -12.18
C TYR A 36 -47.78 -7.28 -12.74
N PHE A 37 -47.76 -7.83 -13.94
CA PHE A 37 -46.51 -8.14 -14.60
C PHE A 37 -45.64 -6.89 -14.79
N LEU A 38 -46.20 -5.83 -15.37
CA LEU A 38 -45.46 -4.60 -15.61
C LEU A 38 -44.93 -3.97 -14.31
N LEU A 39 -45.74 -4.00 -13.25
CA LEU A 39 -45.36 -3.34 -12.02
C LEU A 39 -44.20 -4.04 -11.30
N ARG A 40 -43.99 -5.33 -11.57
CA ARG A 40 -42.80 -6.00 -11.02
C ARG A 40 -41.48 -5.36 -11.54
N TRP A 41 -41.42 -5.07 -12.85
CA TRP A 41 -40.28 -4.36 -13.44
C TRP A 41 -40.15 -2.93 -12.89
N LEU A 42 -41.26 -2.21 -12.78
CA LEU A 42 -41.23 -0.85 -12.23
C LEU A 42 -40.82 -0.79 -10.75
N ARG A 43 -41.40 -1.66 -9.93
CA ARG A 43 -40.94 -1.75 -8.53
C ARG A 43 -39.45 -2.11 -8.42
N ALA A 44 -38.99 -3.05 -9.25
CA ALA A 44 -37.57 -3.46 -9.19
C ALA A 44 -36.61 -2.31 -9.49
N ARG A 45 -37.08 -1.27 -10.15
CA ARG A 45 -36.22 -0.11 -10.44
C ARG A 45 -36.83 1.18 -9.92
N SER A 46 -37.69 1.07 -8.92
CA SER A 46 -38.22 2.23 -8.19
C SER A 46 -38.90 3.22 -9.14
N PHE A 47 -39.63 2.70 -10.12
CA PHE A 47 -40.46 3.50 -11.04
C PHE A 47 -39.65 4.45 -11.90
N ASP A 48 -38.34 4.18 -12.03
CA ASP A 48 -37.52 4.81 -13.05
C ASP A 48 -37.88 4.21 -14.41
N LEU A 49 -38.60 4.99 -15.22
CA LEU A 49 -39.10 4.51 -16.51
C LEU A 49 -37.98 3.99 -17.41
N GLN A 50 -36.86 4.71 -17.45
CA GLN A 50 -35.79 4.33 -18.35
C GLN A 50 -35.12 3.03 -17.89
N LYS A 51 -34.90 2.91 -16.58
CA LYS A 51 -34.25 1.72 -16.07
C LYS A 51 -35.18 0.51 -16.13
N SER A 52 -36.47 0.75 -15.91
CA SER A 52 -37.43 -0.36 -15.91
C SER A 52 -37.56 -0.94 -17.32
N GLU A 53 -37.57 -0.06 -18.31
CA GLU A 53 -37.59 -0.47 -19.71
C GLU A 53 -36.33 -1.24 -20.13
N ALA A 54 -35.15 -0.75 -19.79
CA ALA A 54 -33.93 -1.54 -20.05
C ALA A 54 -34.00 -2.95 -19.45
N MET A 55 -34.45 -3.03 -18.20
CA MET A 55 -34.59 -4.30 -17.49
C MET A 55 -35.51 -5.26 -18.23
N LEU A 56 -36.68 -4.76 -18.59
CA LEU A 56 -37.66 -5.62 -19.26
C LEU A 56 -37.21 -6.03 -20.67
N ARG A 57 -36.63 -5.10 -21.43
CA ARG A 57 -36.13 -5.42 -22.77
C ARG A 57 -34.99 -6.44 -22.73
N LYS A 58 -34.12 -6.35 -21.73
CA LYS A 58 -33.10 -7.37 -21.51
C LYS A 58 -33.73 -8.75 -21.21
N HIS A 59 -34.84 -8.75 -20.49
CA HIS A 59 -35.53 -10.00 -20.18
C HIS A 59 -36.19 -10.56 -21.44
N VAL A 60 -36.75 -9.68 -22.26
CA VAL A 60 -37.33 -10.13 -23.51
C VAL A 60 -36.27 -10.82 -24.37
N GLU A 61 -35.07 -10.26 -24.41
CA GLU A 61 -33.97 -10.82 -25.21
C GLU A 61 -33.47 -12.14 -24.60
N PHE A 62 -33.45 -12.20 -23.28
CA PHE A 62 -33.23 -13.43 -22.52
C PHE A 62 -34.19 -14.56 -22.88
N ARG A 63 -35.48 -14.25 -22.99
CA ARG A 63 -36.47 -15.28 -23.21
C ARG A 63 -36.28 -15.88 -24.59
N LYS A 64 -35.89 -15.04 -25.54
CA LYS A 64 -35.59 -15.49 -26.90
C LYS A 64 -34.31 -16.34 -26.93
N GLN A 65 -33.22 -15.80 -26.43
CA GLN A 65 -31.95 -16.53 -26.41
C GLN A 65 -32.05 -17.87 -25.69
N LYS A 66 -32.79 -17.92 -24.59
CA LYS A 66 -32.85 -19.16 -23.81
C LYS A 66 -34.08 -20.04 -24.14
N ASP A 67 -34.85 -19.63 -25.14
CA ASP A 67 -36.04 -20.37 -25.57
C ASP A 67 -36.99 -20.60 -24.41
N ILE A 68 -37.25 -19.55 -23.62
CA ILE A 68 -38.00 -19.72 -22.38
C ILE A 68 -39.44 -20.21 -22.70
N ASP A 69 -40.06 -19.75 -23.78
CA ASP A 69 -41.41 -20.24 -24.16
C ASP A 69 -41.53 -21.76 -24.17
N ASN A 70 -40.42 -22.45 -24.40
CA ASN A 70 -40.47 -23.91 -24.54
C ASN A 70 -39.68 -24.64 -23.45
N ILE A 71 -39.23 -23.92 -22.42
CA ILE A 71 -38.29 -24.54 -21.48
C ILE A 71 -38.96 -25.61 -20.60
N ILE A 72 -40.25 -25.47 -20.31
CA ILE A 72 -40.91 -26.50 -19.49
C ILE A 72 -40.99 -27.85 -20.22
N SER A 73 -41.08 -27.81 -21.54
CA SER A 73 -41.09 -29.06 -22.32
C SER A 73 -39.68 -29.66 -22.52
N TRP A 74 -38.63 -28.88 -22.25
CA TRP A 74 -37.27 -29.38 -22.33
C TRP A 74 -37.00 -30.28 -21.14
N GLN A 75 -36.46 -31.48 -21.36
CA GLN A 75 -36.18 -32.39 -20.23
C GLN A 75 -34.70 -32.31 -19.86
N PRO A 76 -34.39 -32.00 -18.61
CA PRO A 76 -32.98 -31.92 -18.17
C PRO A 76 -32.27 -33.27 -18.28
N PRO A 77 -30.94 -33.25 -18.36
CA PRO A 77 -30.17 -34.49 -18.32
C PRO A 77 -30.56 -35.38 -17.12
N GLU A 78 -30.56 -36.69 -17.34
CA GLU A 78 -30.94 -37.65 -16.30
C GLU A 78 -30.17 -37.44 -14.98
N VAL A 79 -28.86 -37.24 -15.05
CA VAL A 79 -28.07 -37.03 -13.84
C VAL A 79 -28.58 -35.85 -13.01
N ILE A 80 -28.99 -34.79 -13.70
CA ILE A 80 -29.54 -33.62 -13.00
C ILE A 80 -30.91 -33.93 -12.40
N GLN A 81 -31.80 -34.52 -13.20
CA GLN A 81 -33.10 -34.90 -12.68
C GLN A 81 -32.97 -35.78 -11.43
N GLN A 82 -31.97 -36.68 -11.41
CA GLN A 82 -31.85 -37.58 -10.26
C GLN A 82 -31.23 -36.94 -9.03
N TYR A 83 -30.28 -36.03 -9.21
CA TYR A 83 -29.47 -35.62 -8.07
C TYR A 83 -29.49 -34.14 -7.73
N LEU A 84 -30.11 -33.31 -8.56
CA LEU A 84 -30.27 -31.91 -8.19
C LEU A 84 -31.34 -31.80 -7.10
N SER A 85 -30.92 -31.40 -5.90
CA SER A 85 -31.82 -31.39 -4.76
C SER A 85 -32.84 -30.22 -4.84
N GLY A 86 -33.88 -30.33 -4.01
CA GLY A 86 -34.88 -29.28 -3.91
C GLY A 86 -36.19 -29.70 -4.54
N GLY A 87 -37.22 -28.90 -4.34
CA GLY A 87 -38.51 -29.26 -4.91
C GLY A 87 -39.65 -28.39 -4.45
N MET A 88 -40.69 -28.35 -5.27
CA MET A 88 -41.92 -27.64 -4.94
C MET A 88 -42.81 -28.49 -4.08
N CYS A 89 -43.24 -27.99 -2.93
CA CYS A 89 -44.08 -28.81 -2.07
C CYS A 89 -44.96 -27.94 -1.19
N GLY A 90 -46.25 -28.02 -1.39
CA GLY A 90 -47.18 -27.27 -0.56
C GLY A 90 -47.40 -25.84 -1.02
N TYR A 91 -48.39 -25.19 -0.42
CA TYR A 91 -48.70 -23.79 -0.61
C TYR A 91 -48.78 -23.11 0.73
N ASP A 92 -48.34 -21.86 0.82
CA ASP A 92 -48.44 -21.13 2.10
C ASP A 92 -49.86 -20.59 2.34
N LEU A 93 -50.05 -19.89 3.46
CA LEU A 93 -51.41 -19.57 3.87
C LEU A 93 -52.06 -18.54 2.95
N ASP A 94 -51.27 -17.85 2.13
CA ASP A 94 -51.82 -16.91 1.15
C ASP A 94 -52.10 -17.58 -0.19
N GLY A 95 -51.73 -18.86 -0.30
CA GLY A 95 -51.90 -19.60 -1.54
C GLY A 95 -50.67 -19.67 -2.43
N CYS A 96 -49.55 -19.08 -2.01
CA CYS A 96 -48.29 -19.07 -2.79
C CYS A 96 -47.59 -20.42 -2.73
N PRO A 97 -47.04 -20.88 -3.86
CA PRO A 97 -46.23 -22.10 -3.87
C PRO A 97 -45.05 -21.99 -2.91
N VAL A 98 -44.71 -23.11 -2.28
CA VAL A 98 -43.51 -23.20 -1.45
C VAL A 98 -42.47 -24.04 -2.18
N TRP A 99 -41.25 -23.53 -2.20
CA TRP A 99 -40.12 -24.24 -2.78
C TRP A 99 -39.12 -24.56 -1.67
N TYR A 100 -38.65 -25.82 -1.62
CA TYR A 100 -37.59 -26.23 -0.69
C TYR A 100 -36.24 -26.30 -1.40
N ASP A 101 -35.25 -25.61 -0.85
CA ASP A 101 -33.86 -25.82 -1.25
C ASP A 101 -33.15 -26.65 -0.18
N ILE A 102 -32.44 -27.68 -0.62
CA ILE A 102 -31.77 -28.64 0.26
C ILE A 102 -30.25 -28.66 -0.01
N ILE A 103 -29.51 -27.92 0.80
CA ILE A 103 -28.14 -27.55 0.44
C ILE A 103 -27.13 -28.63 0.87
N GLY A 104 -27.34 -29.21 2.05
CA GLY A 104 -26.37 -30.11 2.64
C GLY A 104 -25.87 -31.24 1.74
N PRO A 105 -26.80 -32.05 1.26
CA PRO A 105 -26.47 -33.22 0.44
C PRO A 105 -26.28 -32.95 -1.06
N LEU A 106 -26.32 -31.70 -1.47
CA LEU A 106 -26.04 -31.36 -2.88
C LEU A 106 -24.59 -31.65 -3.19
N ASP A 107 -24.35 -32.33 -4.31
CA ASP A 107 -23.01 -32.68 -4.72
C ASP A 107 -22.63 -31.87 -5.96
N ALA A 108 -22.13 -30.65 -5.75
CA ALA A 108 -21.92 -29.74 -6.87
C ALA A 108 -20.75 -30.17 -7.74
N LYS A 109 -19.71 -30.73 -7.13
CA LYS A 109 -18.65 -31.38 -7.90
C LYS A 109 -19.20 -32.44 -8.84
N GLY A 110 -19.92 -33.41 -8.30
CA GLY A 110 -20.51 -34.46 -9.11
C GLY A 110 -21.33 -33.90 -10.25
N LEU A 111 -22.11 -32.86 -9.97
CA LEU A 111 -22.98 -32.32 -10.98
C LEU A 111 -22.16 -31.66 -12.09
N LEU A 112 -21.20 -30.82 -11.72
CA LEU A 112 -20.35 -30.14 -12.72
C LEU A 112 -19.44 -31.11 -13.49
N PHE A 113 -19.12 -32.26 -12.90
CA PHE A 113 -18.33 -33.26 -13.61
C PHE A 113 -19.16 -34.18 -14.49
N SER A 114 -20.47 -34.04 -14.46
CA SER A 114 -21.38 -34.99 -15.12
C SER A 114 -22.31 -34.34 -16.13
N ALA A 115 -22.39 -33.02 -16.11
CA ALA A 115 -23.30 -32.27 -16.97
C ALA A 115 -22.68 -30.94 -17.31
N SER A 116 -23.18 -30.29 -18.36
CA SER A 116 -22.66 -28.97 -18.69
C SER A 116 -23.16 -27.94 -17.71
N LYS A 117 -22.36 -26.92 -17.44
CA LYS A 117 -22.84 -25.82 -16.62
C LYS A 117 -24.09 -25.18 -17.22
N GLN A 118 -24.12 -25.09 -18.55
CA GLN A 118 -25.29 -24.55 -19.24
C GLN A 118 -26.59 -25.31 -18.96
N ASP A 119 -26.50 -26.64 -18.95
CA ASP A 119 -27.67 -27.48 -18.65
C ASP A 119 -28.10 -27.35 -17.19
N LEU A 120 -27.15 -27.20 -16.30
CA LEU A 120 -27.47 -26.97 -14.90
C LEU A 120 -28.21 -25.63 -14.68
N LEU A 121 -27.72 -24.57 -15.31
CA LEU A 121 -28.37 -23.26 -15.19
C LEU A 121 -29.75 -23.25 -15.86
N ARG A 122 -29.86 -23.92 -17.02
CA ARG A 122 -31.15 -24.09 -17.69
C ARG A 122 -32.18 -24.85 -16.85
N THR A 123 -31.73 -25.86 -16.10
CA THR A 123 -32.61 -26.58 -15.16
C THR A 123 -33.15 -25.64 -14.07
N LYS A 124 -32.31 -24.77 -13.56
CA LYS A 124 -32.77 -23.79 -12.56
C LYS A 124 -33.73 -22.74 -13.16
N MET A 125 -33.47 -22.28 -14.37
CA MET A 125 -34.41 -21.38 -15.07
C MET A 125 -35.76 -22.08 -15.24
N ARG A 126 -35.70 -23.36 -15.58
CA ARG A 126 -36.93 -24.13 -15.77
C ARG A 126 -37.73 -24.29 -14.47
N GLU A 127 -37.03 -24.47 -13.35
CA GLU A 127 -37.65 -24.48 -12.02
C GLU A 127 -38.43 -23.20 -11.74
N CYS A 128 -37.82 -22.05 -12.05
CA CYS A 128 -38.45 -20.73 -11.93
C CYS A 128 -39.70 -20.62 -12.80
N GLU A 129 -39.62 -21.11 -14.03
CA GLU A 129 -40.79 -21.10 -14.92
C GLU A 129 -41.90 -22.03 -14.43
N LEU A 130 -41.51 -23.19 -13.93
CA LEU A 130 -42.48 -24.09 -13.30
C LEU A 130 -43.19 -23.44 -12.08
N LEU A 131 -42.42 -22.67 -11.30
CA LEU A 131 -42.99 -21.98 -10.15
C LEU A 131 -43.95 -20.86 -10.59
N LEU A 132 -43.58 -20.13 -11.64
CA LEU A 132 -44.48 -19.11 -12.20
C LEU A 132 -45.73 -19.71 -12.80
N GLN A 133 -45.59 -20.86 -13.46
CA GLN A 133 -46.75 -21.60 -13.94
C GLN A 133 -47.66 -22.04 -12.78
N GLU A 134 -47.06 -22.48 -11.68
CA GLU A 134 -47.85 -22.85 -10.52
C GLU A 134 -48.61 -21.65 -9.94
N CYS A 135 -47.98 -20.46 -9.92
CA CYS A 135 -48.66 -19.23 -9.55
C CYS A 135 -49.89 -18.93 -10.42
N ALA A 136 -49.75 -19.17 -11.71
CA ALA A 136 -50.83 -18.97 -12.65
C ALA A 136 -51.96 -19.95 -12.36
N HIS A 137 -51.62 -21.18 -12.01
CA HIS A 137 -52.63 -22.18 -11.65
C HIS A 137 -53.35 -21.78 -10.35
N GLN A 138 -52.59 -21.38 -9.34
CA GLN A 138 -53.16 -20.89 -8.09
C GLN A 138 -54.07 -19.65 -8.30
N THR A 139 -53.64 -18.74 -9.17
CA THR A 139 -54.45 -17.57 -9.53
C THR A 139 -55.86 -17.98 -9.97
N THR A 140 -55.93 -18.90 -10.93
CA THR A 140 -57.23 -19.45 -11.38
C THR A 140 -58.04 -20.13 -10.26
N LYS A 141 -57.40 -21.03 -9.53
CA LYS A 141 -58.09 -21.81 -8.50
C LYS A 141 -58.62 -20.94 -7.34
N LEU A 142 -57.79 -19.97 -6.91
CA LEU A 142 -58.13 -19.12 -5.75
C LEU A 142 -58.93 -17.86 -6.13
N GLY A 143 -58.97 -17.52 -7.41
CA GLY A 143 -59.81 -16.45 -7.90
C GLY A 143 -59.20 -15.07 -7.69
N ARG A 144 -57.90 -15.02 -7.45
CA ARG A 144 -57.17 -13.77 -7.23
C ARG A 144 -55.71 -13.97 -7.62
N LYS A 145 -55.04 -12.88 -7.96
CA LYS A 145 -53.66 -12.92 -8.46
C LYS A 145 -52.69 -13.49 -7.41
N VAL A 146 -51.98 -14.56 -7.78
CA VAL A 146 -50.87 -15.09 -7.00
C VAL A 146 -49.64 -15.01 -7.88
N GLU A 147 -48.57 -14.37 -7.41
CA GLU A 147 -47.41 -14.20 -8.30
C GLU A 147 -46.08 -14.27 -7.56
N THR A 148 -46.13 -14.67 -6.29
CA THR A 148 -44.88 -14.78 -5.52
C THR A 148 -44.74 -16.16 -4.89
N ILE A 149 -43.55 -16.46 -4.39
CA ILE A 149 -43.25 -17.79 -3.82
C ILE A 149 -42.60 -17.66 -2.46
N THR A 150 -42.80 -18.69 -1.64
CA THR A 150 -42.15 -18.81 -0.35
C THR A 150 -41.07 -19.88 -0.48
N ILE A 151 -39.88 -19.57 0.02
CA ILE A 151 -38.78 -20.54 -0.04
C ILE A 151 -38.38 -21.00 1.38
N ILE A 152 -38.30 -22.31 1.56
CA ILE A 152 -37.63 -22.88 2.72
C ILE A 152 -36.23 -23.30 2.30
N TYR A 153 -35.24 -22.69 2.93
CA TYR A 153 -33.85 -22.90 2.56
C TYR A 153 -33.13 -23.70 3.65
N ASP A 154 -32.98 -25.00 3.42
CA ASP A 154 -32.47 -25.91 4.42
C ASP A 154 -30.95 -26.03 4.38
N CYS A 155 -30.30 -25.44 5.38
CA CYS A 155 -28.83 -25.40 5.41
C CYS A 155 -28.21 -26.47 6.33
N GLU A 156 -29.02 -27.42 6.81
CA GLU A 156 -28.43 -28.56 7.53
C GLU A 156 -27.36 -29.24 6.68
N GLY A 157 -26.18 -29.44 7.24
CA GLY A 157 -25.10 -30.08 6.50
C GLY A 157 -24.27 -29.14 5.61
N LEU A 158 -24.61 -27.86 5.61
CA LEU A 158 -23.76 -26.87 4.97
C LEU A 158 -22.38 -26.96 5.58
N GLY A 159 -21.34 -27.08 4.75
CA GLY A 159 -20.00 -27.30 5.27
C GLY A 159 -18.93 -26.80 4.33
N LEU A 160 -17.68 -27.08 4.65
CA LEU A 160 -16.59 -26.48 3.89
C LEU A 160 -16.62 -26.90 2.41
N LYS A 161 -17.17 -28.08 2.12
CA LYS A 161 -17.29 -28.53 0.73
C LYS A 161 -18.10 -27.57 -0.14
N HIS A 162 -19.04 -26.85 0.49
CA HIS A 162 -19.90 -25.96 -0.27
C HIS A 162 -19.23 -24.63 -0.67
N LEU A 163 -18.00 -24.40 -0.23
CA LEU A 163 -17.27 -23.19 -0.56
C LEU A 163 -16.43 -23.35 -1.83
N TRP A 164 -16.37 -24.56 -2.35
CA TRP A 164 -15.60 -24.84 -3.57
C TRP A 164 -15.91 -23.78 -4.62
N LYS A 165 -14.88 -23.11 -5.14
CA LYS A 165 -15.09 -21.86 -5.91
C LYS A 165 -15.95 -22.02 -7.18
N PRO A 166 -15.68 -23.03 -8.01
CA PRO A 166 -16.51 -23.27 -9.20
C PRO A 166 -18.02 -23.41 -8.89
N ALA A 167 -18.36 -24.05 -7.78
CA ALA A 167 -19.76 -24.15 -7.35
C ALA A 167 -20.35 -22.80 -6.97
N VAL A 168 -19.60 -22.00 -6.24
CA VAL A 168 -20.03 -20.65 -5.87
C VAL A 168 -20.25 -19.78 -7.12
N GLU A 169 -19.29 -19.85 -8.04
CA GLU A 169 -19.40 -19.06 -9.26
C GLU A 169 -20.63 -19.48 -10.08
N ALA A 170 -20.88 -20.78 -10.21
CA ALA A 170 -22.06 -21.24 -10.96
C ALA A 170 -23.34 -20.79 -10.26
N TYR A 171 -23.38 -20.93 -8.94
CA TYR A 171 -24.57 -20.51 -8.21
C TYR A 171 -24.78 -19.01 -8.40
N GLY A 172 -23.69 -18.25 -8.40
CA GLY A 172 -23.78 -16.82 -8.62
C GLY A 172 -24.36 -16.46 -9.98
N GLU A 173 -24.08 -17.29 -10.98
CA GLU A 173 -24.66 -17.10 -12.30
C GLU A 173 -26.16 -17.26 -12.27
N PHE A 174 -26.63 -18.26 -11.52
CA PHE A 174 -28.06 -18.49 -11.36
C PHE A 174 -28.71 -17.34 -10.58
N LEU A 175 -28.06 -16.88 -9.51
CA LEU A 175 -28.63 -15.80 -8.72
C LEU A 175 -28.78 -14.53 -9.56
N CYS A 176 -27.77 -14.21 -10.37
CA CYS A 176 -27.87 -13.03 -11.23
C CYS A 176 -29.01 -13.15 -12.25
N MET A 177 -29.11 -14.34 -12.84
CA MET A 177 -30.22 -14.66 -13.74
C MET A 177 -31.56 -14.45 -13.05
N PHE A 178 -31.68 -15.01 -11.84
CA PHE A 178 -32.92 -14.86 -11.06
C PHE A 178 -33.24 -13.38 -10.82
N GLU A 179 -32.24 -12.60 -10.42
CA GLU A 179 -32.44 -11.18 -10.07
C GLU A 179 -32.83 -10.34 -11.29
N GLU A 180 -32.24 -10.69 -12.44
CA GLU A 180 -32.52 -9.94 -13.69
C GLU A 180 -33.83 -10.38 -14.35
N ASN A 181 -34.25 -11.61 -14.12
CA ASN A 181 -35.35 -12.18 -14.90
C ASN A 181 -36.64 -12.47 -14.14
N TYR A 182 -36.55 -12.55 -12.81
CA TYR A 182 -37.71 -12.88 -11.97
C TYR A 182 -37.83 -11.89 -10.81
N PRO A 183 -37.84 -10.58 -11.14
CA PRO A 183 -37.95 -9.53 -10.12
C PRO A 183 -39.25 -9.66 -9.35
N GLU A 184 -39.22 -9.27 -8.09
CA GLU A 184 -40.42 -9.15 -7.29
C GLU A 184 -41.22 -10.46 -7.28
N THR A 185 -40.53 -11.59 -7.27
CA THR A 185 -41.17 -12.90 -7.30
C THR A 185 -40.97 -13.63 -5.95
N LEU A 186 -39.83 -13.42 -5.31
CA LEU A 186 -39.65 -13.95 -3.97
C LEU A 186 -40.49 -13.15 -2.97
N LYS A 187 -41.29 -13.82 -2.17
CA LYS A 187 -42.05 -13.14 -1.13
C LYS A 187 -41.31 -13.20 0.21
N ARG A 188 -40.76 -14.35 0.52
CA ARG A 188 -40.08 -14.55 1.78
C ARG A 188 -39.22 -15.82 1.68
N LEU A 189 -38.05 -15.80 2.32
CA LEU A 189 -37.16 -16.96 2.34
C LEU A 189 -36.77 -17.26 3.78
N PHE A 190 -37.09 -18.47 4.25
CA PHE A 190 -36.69 -18.88 5.58
C PHE A 190 -35.43 -19.76 5.56
N VAL A 191 -34.34 -19.30 6.19
CA VAL A 191 -33.17 -20.15 6.34
C VAL A 191 -33.33 -20.98 7.59
N VAL A 192 -33.29 -22.30 7.45
CA VAL A 192 -33.50 -23.18 8.59
C VAL A 192 -32.25 -24.04 8.84
N LYS A 193 -31.98 -24.25 10.11
CA LYS A 193 -30.87 -25.14 10.56
C LYS A 193 -29.49 -24.65 10.09
N ALA A 194 -29.34 -23.34 9.95
CA ALA A 194 -28.06 -22.76 9.59
C ALA A 194 -27.00 -23.15 10.60
N PRO A 195 -25.86 -23.68 10.14
CA PRO A 195 -24.74 -23.96 11.04
C PRO A 195 -23.74 -22.81 11.11
N LYS A 196 -22.64 -23.05 11.80
CA LYS A 196 -21.67 -22.00 12.13
C LYS A 196 -21.08 -21.37 10.87
N LEU A 197 -21.01 -22.13 9.79
CA LEU A 197 -20.41 -21.65 8.56
C LEU A 197 -21.32 -20.66 7.81
N PHE A 198 -22.57 -20.52 8.23
CA PHE A 198 -23.55 -19.76 7.42
C PHE A 198 -23.08 -18.33 7.07
N PRO A 199 -22.60 -17.57 8.06
CA PRO A 199 -22.10 -16.22 7.77
C PRO A 199 -21.01 -16.11 6.67
N VAL A 200 -20.01 -16.98 6.69
CA VAL A 200 -19.02 -17.07 5.59
C VAL A 200 -19.71 -17.41 4.26
N ALA A 201 -20.56 -18.43 4.28
CA ALA A 201 -21.14 -18.95 3.04
C ALA A 201 -22.08 -17.93 2.39
N TYR A 202 -22.87 -17.27 3.22
CA TYR A 202 -23.76 -16.23 2.76
C TYR A 202 -23.00 -15.05 2.17
N ASN A 203 -21.88 -14.68 2.80
CA ASN A 203 -21.08 -13.55 2.35
C ASN A 203 -20.57 -13.76 0.91
N LEU A 204 -20.33 -15.02 0.55
CA LEU A 204 -19.90 -15.41 -0.80
C LEU A 204 -20.92 -15.08 -1.88
N ILE A 205 -22.20 -15.20 -1.57
CA ILE A 205 -23.23 -14.95 -2.59
C ILE A 205 -23.99 -13.63 -2.37
N LYS A 206 -23.80 -13.00 -1.21
CA LYS A 206 -24.45 -11.72 -0.93
C LYS A 206 -24.31 -10.69 -2.08
N PRO A 207 -23.13 -10.58 -2.69
CA PRO A 207 -22.95 -9.62 -3.79
C PRO A 207 -23.87 -9.85 -5.00
N PHE A 208 -24.40 -11.07 -5.16
CA PHE A 208 -25.24 -11.35 -6.32
C PHE A 208 -26.70 -11.01 -6.03
N LEU A 209 -27.01 -10.69 -4.78
CA LEU A 209 -28.41 -10.53 -4.38
C LEU A 209 -28.84 -9.07 -4.39
N SER A 210 -30.04 -8.79 -4.90
CA SER A 210 -30.58 -7.44 -4.85
C SER A 210 -30.94 -7.03 -3.40
N GLU A 211 -31.03 -5.72 -3.15
CA GLU A 211 -31.47 -5.27 -1.82
C GLU A 211 -32.84 -5.86 -1.47
N ASP A 212 -33.75 -5.91 -2.46
CA ASP A 212 -35.08 -6.48 -2.27
C ASP A 212 -35.02 -7.92 -1.78
N THR A 213 -34.13 -8.70 -2.40
CA THR A 213 -33.99 -10.10 -2.04
C THR A 213 -33.41 -10.26 -0.65
N ARG A 214 -32.40 -9.46 -0.33
CA ARG A 214 -31.75 -9.51 0.99
C ARG A 214 -32.73 -9.25 2.12
N LYS A 215 -33.65 -8.32 1.88
CA LYS A 215 -34.65 -7.95 2.89
C LYS A 215 -35.64 -9.05 3.16
N LYS A 216 -35.79 -9.97 2.21
CA LYS A 216 -36.78 -11.03 2.35
C LYS A 216 -36.21 -12.31 3.00
N ILE A 217 -34.92 -12.29 3.34
CA ILE A 217 -34.28 -13.45 3.99
C ILE A 217 -34.43 -13.39 5.52
N MET A 218 -35.09 -14.39 6.07
CA MET A 218 -35.27 -14.51 7.50
C MET A 218 -34.44 -15.70 7.96
N VAL A 219 -33.37 -15.47 8.71
CA VAL A 219 -32.68 -16.58 9.35
C VAL A 219 -33.43 -16.98 10.62
N LEU A 220 -33.84 -18.24 10.72
CA LEU A 220 -34.57 -18.75 11.88
C LEU A 220 -33.65 -19.45 12.91
N GLY A 221 -34.09 -19.45 14.19
CA GLY A 221 -33.37 -20.10 15.28
C GLY A 221 -33.95 -21.47 15.61
N ALA A 222 -33.87 -21.85 16.88
CA ALA A 222 -34.23 -23.21 17.29
C ALA A 222 -35.73 -23.48 17.11
N ASN A 223 -36.54 -22.44 17.14
CA ASN A 223 -37.98 -22.61 17.04
C ASN A 223 -38.48 -22.59 15.59
N TRP A 224 -37.63 -22.97 14.64
CA TRP A 224 -37.94 -22.72 13.23
C TRP A 224 -39.20 -23.44 12.77
N LYS A 225 -39.45 -24.65 13.24
CA LYS A 225 -40.71 -25.34 12.88
C LYS A 225 -41.95 -24.51 13.26
N GLU A 226 -41.95 -23.95 14.46
CA GLU A 226 -43.09 -23.13 14.92
C GLU A 226 -43.26 -21.89 14.06
N VAL A 227 -42.14 -21.33 13.64
CA VAL A 227 -42.21 -20.16 12.76
C VAL A 227 -42.80 -20.52 11.39
N LEU A 228 -42.42 -21.67 10.83
CA LEU A 228 -42.99 -22.08 9.56
C LEU A 228 -44.50 -22.20 9.66
N LEU A 229 -45.00 -22.74 10.78
CA LEU A 229 -46.44 -22.93 10.97
C LEU A 229 -47.21 -21.64 11.30
N LYS A 230 -46.51 -20.52 11.42
CA LYS A 230 -47.17 -19.22 11.39
C LYS A 230 -47.55 -18.78 9.98
N HIS A 231 -47.03 -19.49 8.97
CA HIS A 231 -47.05 -19.01 7.60
C HIS A 231 -47.64 -20.05 6.65
N ILE A 232 -47.59 -21.31 7.07
CA ILE A 232 -48.00 -22.42 6.22
C ILE A 232 -48.81 -23.39 7.07
N SER A 233 -49.96 -23.80 6.54
CA SER A 233 -50.78 -24.82 7.18
C SER A 233 -49.99 -26.11 7.42
N PRO A 234 -50.21 -26.77 8.54
CA PRO A 234 -49.45 -28.00 8.87
C PRO A 234 -49.60 -29.08 7.78
N ASP A 235 -50.79 -29.23 7.16
CA ASP A 235 -50.94 -30.30 6.17
C ASP A 235 -50.23 -29.95 4.85
N GLN A 236 -49.68 -28.74 4.76
CA GLN A 236 -48.88 -28.37 3.59
C GLN A 236 -47.37 -28.48 3.80
N VAL A 237 -46.96 -28.85 5.01
CA VAL A 237 -45.53 -28.96 5.32
C VAL A 237 -45.18 -30.42 5.61
N PRO A 238 -44.11 -30.93 5.02
CA PRO A 238 -43.68 -32.30 5.35
C PRO A 238 -43.46 -32.48 6.86
N VAL A 239 -43.79 -33.67 7.36
CA VAL A 239 -43.37 -34.07 8.70
C VAL A 239 -41.92 -33.66 8.96
N GLU A 240 -41.04 -33.89 7.99
CA GLU A 240 -39.61 -33.60 8.14
C GLU A 240 -39.36 -32.14 8.54
N TYR A 241 -40.24 -31.23 8.11
CA TYR A 241 -40.09 -29.80 8.39
C TYR A 241 -41.16 -29.27 9.37
N GLY A 242 -41.79 -30.18 10.10
CA GLY A 242 -42.63 -29.81 11.23
C GLY A 242 -44.13 -29.97 10.99
N GLY A 243 -44.53 -30.34 9.77
CA GLY A 243 -45.96 -30.43 9.46
C GLY A 243 -46.47 -31.84 9.52
N THR A 244 -47.55 -32.11 8.79
CA THR A 244 -48.16 -33.45 8.84
C THR A 244 -48.13 -34.16 7.48
N MET A 245 -47.65 -33.51 6.44
CA MET A 245 -47.62 -34.11 5.11
C MET A 245 -46.61 -35.25 5.01
N THR A 246 -47.01 -36.38 4.42
CA THR A 246 -46.08 -37.45 4.03
C THR A 246 -46.25 -37.85 2.57
N ASP A 247 -45.31 -38.65 2.05
CA ASP A 247 -45.56 -39.37 0.80
C ASP A 247 -46.73 -40.35 0.99
N PRO A 248 -47.49 -40.62 -0.07
CA PRO A 248 -48.53 -41.66 -0.04
C PRO A 248 -48.06 -42.91 0.69
N ASP A 249 -46.81 -43.30 0.51
CA ASP A 249 -46.25 -44.43 1.26
C ASP A 249 -45.85 -44.11 2.71
N GLY A 250 -46.14 -42.88 3.18
CA GLY A 250 -45.86 -42.47 4.55
C GLY A 250 -44.48 -41.90 4.87
N ASN A 251 -43.60 -41.81 3.88
CA ASN A 251 -42.30 -41.18 4.08
C ASN A 251 -42.44 -39.72 4.52
N PRO A 252 -41.87 -39.38 5.67
CA PRO A 252 -42.05 -38.05 6.25
C PRO A 252 -41.32 -36.93 5.48
N LYS A 253 -40.37 -37.29 4.62
CA LYS A 253 -39.62 -36.30 3.85
C LYS A 253 -40.30 -35.88 2.55
N CYS A 254 -41.40 -36.54 2.19
CA CYS A 254 -42.14 -36.18 0.98
C CYS A 254 -41.21 -36.17 -0.24
N LYS A 255 -40.49 -37.27 -0.41
CA LYS A 255 -39.50 -37.40 -1.48
C LYS A 255 -40.13 -37.52 -2.87
N SER A 256 -41.44 -37.76 -2.93
CA SER A 256 -42.13 -37.74 -4.21
C SER A 256 -42.14 -36.31 -4.79
N LYS A 257 -41.94 -35.30 -3.93
CA LYS A 257 -41.95 -33.91 -4.35
C LYS A 257 -40.59 -33.24 -4.15
N ILE A 258 -39.88 -33.62 -3.08
CA ILE A 258 -38.60 -32.97 -2.79
C ILE A 258 -37.44 -33.93 -3.05
N ASN A 259 -36.48 -33.47 -3.84
CA ASN A 259 -35.25 -34.23 -4.14
C ASN A 259 -34.22 -33.91 -3.05
N TYR A 260 -33.62 -34.95 -2.44
CA TYR A 260 -32.66 -34.72 -1.36
C TYR A 260 -31.22 -34.94 -1.81
N GLY A 261 -30.96 -34.83 -3.11
CA GLY A 261 -29.60 -34.82 -3.62
C GLY A 261 -28.86 -36.14 -3.36
N GLY A 262 -27.63 -36.06 -2.86
CA GLY A 262 -26.76 -37.22 -2.73
C GLY A 262 -25.58 -37.14 -3.69
N ASP A 263 -24.54 -37.94 -3.42
CA ASP A 263 -23.37 -37.93 -4.28
C ASP A 263 -23.66 -38.59 -5.63
N ILE A 264 -23.17 -37.99 -6.71
CA ILE A 264 -23.38 -38.55 -8.05
C ILE A 264 -22.46 -39.75 -8.25
N PRO A 265 -23.02 -40.89 -8.63
CA PRO A 265 -22.21 -42.07 -9.00
C PRO A 265 -21.21 -41.74 -10.13
N ARG A 266 -19.98 -42.23 -9.99
CA ARG A 266 -18.89 -41.86 -10.87
C ARG A 266 -19.12 -42.32 -12.30
N LYS A 267 -20.00 -43.30 -12.47
CA LYS A 267 -20.39 -43.72 -13.82
C LYS A 267 -20.99 -42.58 -14.69
N TYR A 268 -21.55 -41.56 -14.05
CA TYR A 268 -22.07 -40.38 -14.77
C TYR A 268 -21.02 -39.35 -15.19
N TYR A 269 -19.82 -39.41 -14.61
CA TYR A 269 -18.84 -38.36 -14.83
C TYR A 269 -18.46 -38.35 -16.30
N VAL A 270 -18.35 -37.17 -16.88
CA VAL A 270 -17.72 -37.04 -18.21
C VAL A 270 -16.33 -36.37 -18.12
N ARG A 271 -15.96 -35.94 -16.92
CA ARG A 271 -14.69 -35.27 -16.68
C ARG A 271 -14.31 -35.45 -15.22
N ASP A 272 -13.05 -35.17 -14.93
CA ASP A 272 -12.41 -35.44 -13.66
C ASP A 272 -12.31 -34.12 -12.90
N GLN A 273 -12.44 -33.03 -13.63
CA GLN A 273 -12.20 -31.69 -13.13
C GLN A 273 -12.83 -30.70 -14.09
N VAL A 274 -13.14 -29.50 -13.62
CA VAL A 274 -13.51 -28.40 -14.52
C VAL A 274 -12.30 -27.60 -14.95
N LYS A 275 -12.45 -26.83 -16.01
CA LYS A 275 -11.43 -25.89 -16.42
C LYS A 275 -11.16 -24.89 -15.30
N GLN A 276 -9.87 -24.65 -15.04
CA GLN A 276 -9.41 -23.82 -13.94
C GLN A 276 -8.23 -22.93 -14.33
N GLN A 277 -8.25 -21.68 -13.92
CA GLN A 277 -7.08 -20.81 -14.02
C GLN A 277 -6.70 -20.34 -12.64
N TYR A 278 -5.47 -19.85 -12.51
CA TYR A 278 -4.86 -19.57 -11.22
C TYR A 278 -4.28 -18.17 -11.18
N GLU A 279 -4.31 -17.56 -10.00
CA GLU A 279 -3.96 -16.15 -9.89
C GLU A 279 -2.46 -15.99 -9.78
N HIS A 280 -1.78 -17.05 -9.36
CA HIS A 280 -0.34 -16.96 -9.13
C HIS A 280 0.40 -18.18 -9.65
N SER A 281 1.68 -18.02 -9.90
CA SER A 281 2.46 -19.07 -10.54
C SER A 281 3.88 -18.95 -10.09
N VAL A 282 4.46 -20.04 -9.58
CA VAL A 282 5.84 -20.01 -9.11
C VAL A 282 6.63 -21.22 -9.59
N GLN A 283 7.90 -21.00 -9.87
CA GLN A 283 8.81 -22.06 -10.26
C GLN A 283 9.65 -22.39 -9.03
N ILE A 284 9.49 -23.59 -8.48
CA ILE A 284 10.22 -23.97 -7.26
C ILE A 284 11.43 -24.85 -7.57
N SER A 285 12.62 -24.42 -7.17
CA SER A 285 13.85 -25.13 -7.49
C SER A 285 13.93 -26.45 -6.75
N ARG A 286 14.76 -27.35 -7.26
CA ARG A 286 14.99 -28.59 -6.55
C ARG A 286 15.39 -28.25 -5.11
N GLY A 287 14.83 -28.99 -4.15
CA GLY A 287 15.30 -28.96 -2.78
C GLY A 287 14.79 -27.74 -2.03
N SER A 288 13.83 -27.03 -2.63
CA SER A 288 13.50 -25.69 -2.17
C SER A 288 12.02 -25.63 -1.82
N SER A 289 11.51 -24.42 -1.62
CA SER A 289 10.13 -24.23 -1.18
C SER A 289 9.66 -22.83 -1.58
N HIS A 290 8.35 -22.61 -1.48
CA HIS A 290 7.81 -21.27 -1.65
C HIS A 290 6.73 -20.97 -0.62
N GLN A 291 6.82 -19.80 0.02
CA GLN A 291 5.83 -19.42 1.04
C GLN A 291 4.97 -18.25 0.61
N VAL A 292 3.69 -18.30 0.95
CA VAL A 292 2.73 -17.26 0.61
C VAL A 292 2.06 -16.83 1.89
N GLU A 293 2.02 -15.53 2.13
CA GLU A 293 1.64 -15.02 3.44
C GLU A 293 0.28 -14.29 3.39
N TYR A 294 -0.59 -14.57 4.36
CA TYR A 294 -1.86 -13.83 4.54
C TYR A 294 -2.06 -13.45 6.00
N GLU A 295 -2.25 -12.17 6.26
CA GLU A 295 -2.68 -11.75 7.59
C GLU A 295 -4.15 -12.06 7.78
N ILE A 296 -4.46 -12.75 8.87
CA ILE A 296 -5.84 -12.94 9.32
C ILE A 296 -6.01 -12.30 10.69
N LEU A 297 -6.74 -11.19 10.74
CA LEU A 297 -6.84 -10.43 11.97
C LEU A 297 -8.16 -10.73 12.69
N PHE A 298 -9.20 -10.99 11.91
CA PHE A 298 -10.56 -11.04 12.43
C PHE A 298 -10.96 -12.48 12.70
N PRO A 299 -11.76 -12.72 13.74
CA PRO A 299 -12.27 -14.06 14.02
C PRO A 299 -13.30 -14.47 12.97
N GLY A 300 -13.43 -15.77 12.71
CA GLY A 300 -14.51 -16.24 11.87
C GLY A 300 -14.14 -16.52 10.42
N CYS A 301 -12.88 -16.37 10.07
CA CYS A 301 -12.48 -16.40 8.65
C CYS A 301 -12.10 -17.81 8.19
N VAL A 302 -12.11 -18.01 6.88
CA VAL A 302 -11.77 -19.29 6.28
C VAL A 302 -10.82 -19.06 5.14
N LEU A 303 -9.71 -19.79 5.13
CA LEU A 303 -8.81 -19.81 4.00
C LEU A 303 -9.29 -20.80 2.93
N ARG A 304 -9.35 -20.34 1.69
CA ARG A 304 -9.71 -21.22 0.59
C ARG A 304 -8.62 -21.21 -0.47
N TRP A 305 -8.21 -22.39 -0.95
CA TRP A 305 -7.18 -22.41 -1.98
C TRP A 305 -7.45 -23.44 -3.06
N GLN A 306 -6.81 -23.22 -4.20
CA GLN A 306 -6.70 -24.23 -5.23
C GLN A 306 -5.30 -24.19 -5.77
N PHE A 307 -4.76 -25.35 -6.11
CA PHE A 307 -3.45 -25.40 -6.75
C PHE A 307 -3.26 -26.64 -7.65
N MET A 308 -2.34 -26.50 -8.60
CA MET A 308 -1.92 -27.62 -9.43
C MET A 308 -0.44 -27.47 -9.71
N SER A 309 0.26 -28.58 -9.80
CA SER A 309 1.67 -28.52 -10.13
C SER A 309 1.85 -29.13 -11.52
N ASP A 310 2.97 -28.82 -12.16
CA ASP A 310 3.15 -29.26 -13.54
C ASP A 310 4.07 -30.47 -13.58
N GLY A 311 3.51 -31.62 -13.99
CA GLY A 311 4.33 -32.78 -14.29
C GLY A 311 4.73 -33.63 -13.09
N ALA A 312 4.73 -33.05 -11.89
CA ALA A 312 5.04 -33.84 -10.71
C ALA A 312 4.31 -33.35 -9.46
N ASP A 313 4.35 -34.15 -8.41
CA ASP A 313 3.62 -33.82 -7.18
C ASP A 313 4.31 -32.66 -6.43
N VAL A 314 3.72 -32.23 -5.32
CA VAL A 314 4.37 -31.21 -4.47
C VAL A 314 3.90 -31.33 -3.02
N GLY A 315 4.77 -30.93 -2.09
CA GLY A 315 4.39 -30.72 -0.71
C GLY A 315 3.58 -29.46 -0.44
N PHE A 316 2.65 -29.56 0.49
CA PHE A 316 1.81 -28.42 0.86
C PHE A 316 1.41 -28.52 2.32
N GLY A 317 1.42 -27.39 3.00
CA GLY A 317 1.03 -27.31 4.40
C GLY A 317 0.77 -25.87 4.77
N ILE A 318 0.13 -25.65 5.92
CA ILE A 318 -0.13 -24.29 6.37
C ILE A 318 0.36 -24.12 7.80
N PHE A 319 1.07 -23.00 8.01
CA PHE A 319 1.73 -22.70 9.26
C PHE A 319 1.22 -21.35 9.79
N LEU A 320 1.40 -21.10 11.08
CA LEU A 320 1.10 -19.79 11.63
C LEU A 320 2.42 -19.15 12.09
N LYS A 321 2.67 -17.92 11.64
CA LYS A 321 3.93 -17.25 11.93
C LYS A 321 3.97 -16.93 13.40
N THR A 322 5.03 -17.10 14.02
N GLU A 326 12.12 -11.88 7.83
CA GLU A 326 11.49 -13.07 8.47
C GLU A 326 11.04 -14.12 7.42
N ARG A 327 11.91 -14.36 6.43
CA ARG A 327 11.89 -15.62 5.68
C ARG A 327 12.20 -16.81 6.59
N GLN A 328 11.15 -17.42 7.15
CA GLN A 328 11.31 -18.46 8.17
C GLN A 328 11.23 -19.85 7.56
N ARG A 329 12.07 -20.76 8.08
CA ARG A 329 11.89 -22.18 7.85
C ARG A 329 10.55 -22.66 8.43
N ALA A 330 10.00 -23.72 7.82
CA ALA A 330 8.81 -24.39 8.37
C ALA A 330 8.96 -24.71 9.87
N GLY A 331 10.12 -25.25 10.24
CA GLY A 331 10.36 -25.70 11.60
C GLY A 331 10.36 -24.59 12.65
N GLU A 332 10.47 -23.35 12.20
CA GLU A 332 10.43 -22.19 13.09
C GLU A 332 8.99 -21.73 13.37
N MET A 333 8.04 -22.17 12.54
CA MET A 333 6.66 -21.71 12.62
C MET A 333 5.75 -22.74 13.31
N THR A 334 4.50 -22.36 13.55
CA THR A 334 3.49 -23.26 14.11
C THR A 334 2.64 -23.95 13.03
N GLU A 335 2.66 -25.28 13.03
CA GLU A 335 1.89 -26.05 12.05
C GLU A 335 0.39 -25.96 12.33
N VAL A 336 -0.39 -25.72 11.28
CA VAL A 336 -1.84 -25.59 11.38
C VAL A 336 -2.54 -26.57 10.42
N LEU A 337 -1.89 -26.85 9.31
CA LEU A 337 -2.26 -27.96 8.46
C LEU A 337 -0.97 -28.69 8.13
N PRO A 338 -0.81 -29.87 8.71
CA PRO A 338 0.45 -30.61 8.58
C PRO A 338 0.82 -30.83 7.12
N ASN A 339 2.08 -30.61 6.78
CA ASN A 339 2.57 -30.80 5.43
C ASN A 339 2.33 -32.23 4.97
N GLN A 340 1.95 -32.39 3.70
CA GLN A 340 1.90 -33.70 3.07
C GLN A 340 2.12 -33.52 1.57
N ARG A 341 2.56 -34.58 0.90
CA ARG A 341 2.71 -34.54 -0.55
C ARG A 341 1.38 -34.81 -1.27
N TYR A 342 1.14 -34.06 -2.33
CA TYR A 342 -0.07 -34.17 -3.13
C TYR A 342 0.28 -34.46 -4.57
N ASN A 343 -0.55 -35.25 -5.25
CA ASN A 343 -0.46 -35.46 -6.70
C ASN A 343 -1.29 -34.46 -7.47
N SER A 344 -0.95 -33.18 -7.32
CA SER A 344 -1.72 -32.08 -7.87
C SER A 344 -1.39 -31.84 -9.34
N HIS A 345 -0.50 -32.66 -9.88
CA HIS A 345 -0.27 -32.73 -11.32
C HIS A 345 -1.30 -33.64 -11.99
N LEU A 346 -1.93 -34.50 -11.21
CA LEU A 346 -2.91 -35.42 -11.78
C LEU A 346 -4.31 -34.88 -11.60
N VAL A 347 -4.72 -34.74 -10.35
CA VAL A 347 -5.93 -33.96 -10.08
C VAL A 347 -5.59 -32.73 -9.25
N PRO A 348 -6.04 -31.57 -9.71
CA PRO A 348 -5.83 -30.30 -9.01
C PRO A 348 -6.39 -30.36 -7.59
N GLU A 349 -5.71 -29.68 -6.68
CA GLU A 349 -6.08 -29.76 -5.30
C GLU A 349 -6.91 -28.53 -4.93
N ASP A 350 -7.84 -28.69 -4.00
CA ASP A 350 -8.54 -27.54 -3.47
C ASP A 350 -8.85 -27.81 -2.02
N GLY A 351 -8.89 -26.76 -1.22
CA GLY A 351 -9.11 -26.96 0.19
C GLY A 351 -9.55 -25.71 0.89
N THR A 352 -9.85 -25.88 2.17
CA THR A 352 -10.28 -24.78 3.04
C THR A 352 -9.83 -25.09 4.43
N LEU A 353 -9.65 -24.03 5.22
CA LEU A 353 -9.18 -24.10 6.58
C LEU A 353 -9.88 -23.01 7.39
N THR A 354 -10.57 -23.41 8.46
CA THR A 354 -11.11 -22.47 9.43
C THR A 354 -9.99 -21.85 10.25
N CYS A 355 -9.94 -20.52 10.29
CA CYS A 355 -8.82 -19.85 10.95
C CYS A 355 -9.18 -19.47 12.38
N SER A 356 -9.03 -20.41 13.29
CA SER A 356 -9.50 -20.22 14.66
C SER A 356 -8.69 -19.17 15.45
N ASP A 357 -7.38 -19.09 15.23
CA ASP A 357 -6.57 -18.03 15.85
C ASP A 357 -6.04 -17.00 14.84
N PRO A 358 -6.17 -15.71 15.17
CA PRO A 358 -5.66 -14.64 14.32
C PRO A 358 -4.13 -14.64 14.28
N GLY A 359 -3.56 -14.03 13.24
CA GLY A 359 -2.12 -13.98 13.08
C GLY A 359 -1.72 -14.04 11.62
N ILE A 360 -0.46 -14.36 11.36
CA ILE A 360 -0.02 -14.46 9.97
C ILE A 360 0.02 -15.92 9.51
N TYR A 361 -0.86 -16.26 8.59
CA TYR A 361 -0.88 -17.61 8.04
C TYR A 361 0.08 -17.75 6.86
N VAL A 362 0.83 -18.84 6.84
CA VAL A 362 1.79 -19.09 5.79
C VAL A 362 1.43 -20.38 5.10
N LEU A 363 1.14 -20.28 3.81
CA LEU A 363 0.93 -21.46 2.98
C LEU A 363 2.25 -21.78 2.33
N ARG A 364 2.71 -23.01 2.53
CA ARG A 364 4.08 -23.37 2.14
C ARG A 364 4.03 -24.52 1.14
N PHE A 365 4.52 -24.26 -0.07
CA PHE A 365 4.75 -25.32 -1.03
C PHE A 365 6.17 -25.83 -0.86
N ASP A 366 6.28 -27.15 -0.75
CA ASP A 366 7.49 -27.80 -0.28
C ASP A 366 8.00 -28.71 -1.39
N ASN A 367 9.21 -28.42 -1.89
CA ASN A 367 9.91 -29.29 -2.82
C ASN A 367 11.24 -29.80 -2.25
N THR A 368 11.41 -29.67 -0.94
CA THR A 368 12.69 -29.93 -0.31
C THR A 368 13.10 -31.41 -0.41
N TYR A 369 12.14 -32.26 -0.73
CA TYR A 369 12.37 -33.70 -0.83
C TYR A 369 12.81 -34.13 -2.24
N SER A 370 12.80 -33.19 -3.18
CA SER A 370 12.77 -33.57 -4.58
C SER A 370 14.02 -33.16 -5.34
N PHE A 371 14.41 -34.04 -6.27
CA PHE A 371 15.47 -33.77 -7.26
C PHE A 371 14.96 -33.06 -8.52
N ILE A 372 13.71 -33.35 -8.89
CA ILE A 372 13.10 -32.64 -10.01
C ILE A 372 13.14 -31.14 -9.76
N HIS A 373 13.61 -30.43 -10.76
CA HIS A 373 13.94 -29.02 -10.65
C HIS A 373 12.68 -28.19 -10.81
N ALA A 374 12.83 -26.88 -10.77
CA ALA A 374 11.98 -25.99 -11.54
C ALA A 374 10.55 -26.55 -11.66
N LYS A 375 10.06 -27.12 -10.55
CA LYS A 375 8.65 -27.49 -10.40
C LYS A 375 7.75 -26.26 -10.41
N LYS A 376 6.84 -26.20 -11.37
CA LYS A 376 5.94 -25.09 -11.53
C LYS A 376 4.68 -25.35 -10.72
N VAL A 377 4.41 -24.47 -9.76
CA VAL A 377 3.13 -24.53 -9.04
C VAL A 377 2.25 -23.32 -9.38
N ASN A 378 1.01 -23.59 -9.77
CA ASN A 378 0.00 -22.55 -10.00
C ASN A 378 -1.04 -22.58 -8.90
N PHE A 379 -1.38 -21.42 -8.35
CA PHE A 379 -2.22 -21.41 -7.15
C PHE A 379 -3.13 -20.17 -7.04
N THR A 380 -4.22 -20.33 -6.29
CA THR A 380 -5.10 -19.22 -5.94
C THR A 380 -5.48 -19.38 -4.49
N VAL A 381 -5.44 -18.28 -3.73
CA VAL A 381 -5.77 -18.32 -2.32
C VAL A 381 -6.65 -17.12 -2.00
N GLU A 382 -7.65 -17.31 -1.15
CA GLU A 382 -8.41 -16.18 -0.62
C GLU A 382 -8.72 -16.38 0.84
N VAL A 383 -8.78 -15.25 1.56
CA VAL A 383 -9.31 -15.20 2.91
C VAL A 383 -10.79 -14.85 2.83
N LEU A 384 -11.67 -15.79 3.18
CA LEU A 384 -13.11 -15.53 3.15
C LEU A 384 -13.56 -14.96 4.49
N LEU A 385 -14.23 -13.80 4.45
CA LEU A 385 -14.77 -13.16 5.67
C LEU A 385 -16.23 -13.53 5.93
N PRO A 386 -16.61 -13.59 7.19
CA PRO A 386 -18.02 -13.76 7.58
C PRO A 386 -18.82 -12.47 7.35
N ASP A 387 -20.07 -12.62 6.94
CA ASP A 387 -20.98 -11.48 6.87
C ASP A 387 -21.36 -11.06 8.29
N LYS A 388 -21.10 -9.79 8.60
CA LYS A 388 -21.19 -9.27 9.96
C LYS A 388 -22.62 -9.36 10.48
N ALA A 389 -23.56 -8.84 9.70
CA ALA A 389 -24.97 -8.89 10.09
C ALA A 389 -25.44 -10.31 10.37
N SER A 390 -24.98 -11.28 9.55
CA SER A 390 -25.35 -12.68 9.74
C SER A 390 -24.78 -13.26 11.02
N GLU A 391 -23.52 -12.95 11.30
CA GLU A 391 -22.88 -13.35 12.54
C GLU A 391 -23.71 -12.87 13.73
N GLU A 392 -24.17 -11.62 13.66
CA GLU A 392 -24.92 -11.00 14.75
C GLU A 392 -26.27 -11.68 14.90
N LYS A 393 -26.96 -11.87 13.78
CA LYS A 393 -28.16 -12.71 13.74
C LYS A 393 -27.95 -14.05 14.42
N MET A 394 -26.92 -14.80 14.03
CA MET A 394 -26.65 -16.08 14.66
C MET A 394 -26.63 -15.89 16.17
N LYS A 395 -25.79 -14.95 16.61
CA LYS A 395 -25.38 -14.85 18.02
C LYS A 395 -26.56 -15.02 18.95
N GLN A 396 -27.54 -14.11 18.83
CA GLN A 396 -28.81 -14.28 19.50
C GLN A 396 -29.52 -15.53 19.00
N LEU A 397 -30.55 -15.34 18.19
CA LEU A 397 -31.33 -16.48 17.75
C LEU A 397 -31.14 -17.60 18.77
N GLY A 398 -30.33 -18.50 18.60
N MET B 1 62.73 7.14 29.14
CA MET B 1 61.79 8.27 29.41
C MET B 1 60.68 8.37 28.34
N SER B 2 59.56 9.01 28.68
CA SER B 2 58.27 8.78 28.00
C SER B 2 58.03 9.69 26.80
N GLY B 3 58.92 10.64 26.56
CA GLY B 3 58.76 11.54 25.44
C GLY B 3 57.58 12.48 25.64
N ARG B 4 57.28 12.80 26.90
CA ARG B 4 56.31 13.84 27.27
C ARG B 4 56.99 15.04 27.93
N VAL B 5 56.41 16.23 27.79
CA VAL B 5 56.87 17.40 28.53
C VAL B 5 56.97 17.01 30.01
N GLY B 6 58.08 17.37 30.66
CA GLY B 6 58.30 16.96 32.04
C GLY B 6 59.10 15.68 32.17
N ASP B 7 59.35 15.02 31.04
CA ASP B 7 59.92 13.68 31.06
C ASP B 7 60.64 13.37 29.74
N LEU B 8 61.53 14.26 29.31
CA LEU B 8 62.24 14.06 28.05
C LEU B 8 63.68 13.72 28.32
N SER B 9 64.17 12.67 27.65
CA SER B 9 65.61 12.38 27.63
C SER B 9 66.36 13.49 26.90
N PRO B 10 67.68 13.54 27.09
CA PRO B 10 68.52 14.48 26.35
C PRO B 10 68.35 14.30 24.83
N ARG B 11 68.29 13.06 24.39
CA ARG B 11 68.11 12.74 22.97
C ARG B 11 66.74 13.20 22.48
N GLN B 12 65.73 13.10 23.35
CA GLN B 12 64.37 13.47 22.99
C GLN B 12 64.22 14.98 22.88
N LYS B 13 64.86 15.71 23.79
CA LYS B 13 64.91 17.17 23.72
C LYS B 13 65.63 17.65 22.47
N GLU B 14 66.70 16.95 22.10
CA GLU B 14 67.46 17.24 20.89
C GLU B 14 66.54 17.09 19.68
N ALA B 15 65.82 15.98 19.63
CA ALA B 15 64.97 15.68 18.49
C ALA B 15 63.86 16.72 18.39
N LEU B 16 63.27 17.08 19.54
CA LEU B 16 62.19 18.05 19.55
C LEU B 16 62.66 19.41 19.00
N ALA B 17 63.87 19.82 19.38
CA ALA B 17 64.41 21.09 18.89
C ALA B 17 64.68 21.08 17.38
N LYS B 18 65.29 20.00 16.89
CA LYS B 18 65.49 19.82 15.44
C LYS B 18 64.17 19.80 14.66
N PHE B 19 63.23 18.96 15.12
CA PHE B 19 61.91 18.88 14.52
C PHE B 19 61.29 20.27 14.27
N ARG B 20 61.23 21.09 15.31
CA ARG B 20 60.66 22.43 15.19
C ARG B 20 61.33 23.20 14.06
N GLU B 21 62.66 23.13 14.02
CA GLU B 21 63.42 23.76 12.94
C GLU B 21 62.97 23.22 11.59
N ASN B 22 62.85 21.90 11.52
CA ASN B 22 62.63 21.20 10.26
C ASN B 22 61.29 21.54 9.66
N VAL B 23 60.32 21.82 10.52
CA VAL B 23 58.97 22.09 10.03
C VAL B 23 58.60 23.56 10.21
N GLN B 24 59.61 24.39 10.48
CA GLN B 24 59.38 25.80 10.72
C GLN B 24 58.45 26.41 9.67
N ASP B 25 58.58 26.00 8.42
CA ASP B 25 57.83 26.59 7.33
C ASP B 25 56.30 26.33 7.38
N VAL B 26 55.86 25.29 8.09
CA VAL B 26 54.44 24.97 8.09
C VAL B 26 53.75 25.45 9.36
N LEU B 27 54.54 25.83 10.36
CA LEU B 27 53.99 26.09 11.68
C LEU B 27 53.00 27.28 11.72
N PRO B 28 53.24 28.34 10.94
CA PRO B 28 52.27 29.43 10.84
C PRO B 28 50.85 28.96 10.47
N ALA B 29 50.76 27.89 9.68
CA ALA B 29 49.47 27.35 9.26
C ALA B 29 48.71 26.58 10.37
N LEU B 30 49.38 26.33 11.49
CA LEU B 30 48.80 25.52 12.55
C LEU B 30 48.40 26.41 13.73
N PRO B 31 47.29 26.06 14.38
CA PRO B 31 46.67 26.96 15.37
C PRO B 31 47.57 27.23 16.58
N ASN B 32 48.12 26.17 17.18
CA ASN B 32 48.99 26.34 18.33
C ASN B 32 50.07 25.27 18.35
N PRO B 33 51.12 25.44 17.54
CA PRO B 33 52.16 24.42 17.42
C PRO B 33 53.17 24.51 18.56
N ASP B 34 52.71 24.30 19.79
CA ASP B 34 53.62 24.36 20.93
C ASP B 34 54.34 23.02 21.09
N ASP B 35 55.14 22.86 22.14
CA ASP B 35 55.92 21.62 22.30
C ASP B 35 55.02 20.41 22.53
N TYR B 36 53.91 20.58 23.24
CA TYR B 36 52.94 19.49 23.40
C TYR B 36 52.44 19.03 22.05
N PHE B 37 52.09 19.98 21.21
CA PHE B 37 51.61 19.68 19.86
C PHE B 37 52.67 18.94 19.08
N LEU B 38 53.88 19.49 19.02
CA LEU B 38 54.96 18.84 18.25
C LEU B 38 55.24 17.42 18.75
N LEU B 39 55.23 17.24 20.07
CA LEU B 39 55.55 15.92 20.65
C LEU B 39 54.51 14.82 20.37
N ARG B 40 53.28 15.21 20.03
CA ARG B 40 52.32 14.21 19.58
C ARG B 40 52.79 13.48 18.33
N TRP B 41 53.36 14.24 17.38
CA TRP B 41 53.83 13.68 16.09
C TRP B 41 55.08 12.85 16.31
N LEU B 42 56.00 13.37 17.12
CA LEU B 42 57.21 12.63 17.47
C LEU B 42 56.92 11.32 18.20
N ARG B 43 56.08 11.34 19.23
CA ARG B 43 55.68 10.07 19.86
C ARG B 43 55.02 9.08 18.89
N ALA B 44 54.12 9.57 18.03
CA ALA B 44 53.43 8.69 17.06
C ALA B 44 54.39 7.99 16.10
N ARG B 45 55.59 8.52 15.94
CA ARG B 45 56.58 7.89 15.04
C ARG B 45 57.88 7.58 15.78
N SER B 46 57.79 7.45 17.11
CA SER B 46 58.92 7.04 17.95
C SER B 46 60.15 7.95 17.84
N PHE B 47 59.91 9.24 17.68
CA PHE B 47 60.97 10.26 17.55
C PHE B 47 61.84 10.10 16.31
N ASP B 48 61.30 9.45 15.28
CA ASP B 48 61.94 9.40 13.97
C ASP B 48 61.71 10.71 13.23
N LEU B 49 62.76 11.49 13.03
CA LEU B 49 62.61 12.85 12.49
C LEU B 49 61.94 12.83 11.11
N GLN B 50 62.40 11.97 10.21
CA GLN B 50 61.85 11.91 8.86
C GLN B 50 60.37 11.47 8.84
N LYS B 51 60.04 10.43 9.60
CA LYS B 51 58.67 9.94 9.63
C LYS B 51 57.71 10.91 10.32
N SER B 52 58.18 11.54 11.38
CA SER B 52 57.35 12.50 12.10
C SER B 52 57.05 13.69 11.21
N GLU B 53 58.07 14.13 10.46
CA GLU B 53 57.89 15.28 9.58
C GLU B 53 56.93 14.96 8.42
N ALA B 54 57.10 13.79 7.80
CA ALA B 54 56.19 13.37 6.76
C ALA B 54 54.75 13.31 7.26
N MET B 55 54.58 12.78 8.46
CA MET B 55 53.26 12.67 9.06
C MET B 55 52.60 14.05 9.33
N LEU B 56 53.40 14.99 9.85
CA LEU B 56 52.89 16.34 10.11
C LEU B 56 52.59 17.11 8.81
N ARG B 57 53.45 16.96 7.81
CA ARG B 57 53.24 17.67 6.54
C ARG B 57 51.99 17.16 5.81
N LYS B 58 51.76 15.86 5.89
CA LYS B 58 50.53 15.28 5.37
C LYS B 58 49.32 15.84 6.11
N HIS B 59 49.43 15.99 7.43
CA HIS B 59 48.36 16.58 8.19
C HIS B 59 48.12 18.04 7.75
N VAL B 60 49.17 18.80 7.54
CA VAL B 60 48.99 20.19 7.13
C VAL B 60 48.19 20.25 5.82
N GLU B 61 48.57 19.41 4.87
CA GLU B 61 47.82 19.36 3.61
C GLU B 61 46.36 18.95 3.84
N PHE B 62 46.16 17.94 4.65
CA PHE B 62 44.82 17.50 5.03
C PHE B 62 43.99 18.67 5.59
N ARG B 63 44.62 19.50 6.43
CA ARG B 63 43.90 20.59 7.08
C ARG B 63 43.48 21.61 6.03
N LYS B 64 44.32 21.77 5.01
CA LYS B 64 44.04 22.67 3.90
C LYS B 64 42.94 22.12 3.00
N GLN B 65 43.06 20.87 2.58
CA GLN B 65 42.05 20.21 1.76
C GLN B 65 40.64 20.15 2.40
N LYS B 66 40.57 19.98 3.71
CA LYS B 66 39.27 19.82 4.37
C LYS B 66 38.82 21.06 5.16
N ASP B 67 39.44 22.20 4.89
CA ASP B 67 39.12 23.45 5.60
C ASP B 67 38.90 23.22 7.09
N ILE B 68 39.82 22.50 7.70
CA ILE B 68 39.74 22.21 9.14
C ILE B 68 39.74 23.48 10.01
N ASP B 69 40.37 24.56 9.57
CA ASP B 69 40.41 25.79 10.37
C ASP B 69 39.00 26.33 10.68
N ASN B 70 38.03 26.03 9.81
CA ASN B 70 36.68 26.55 9.96
C ASN B 70 35.57 25.49 10.08
N ILE B 71 35.97 24.25 10.35
CA ILE B 71 35.00 23.16 10.37
C ILE B 71 34.07 23.26 11.58
N ILE B 72 34.51 23.89 12.65
CA ILE B 72 33.70 23.92 13.86
C ILE B 72 32.36 24.62 13.57
N SER B 73 32.40 25.64 12.72
CA SER B 73 31.19 26.41 12.44
C SER B 73 30.37 25.78 11.30
N TRP B 74 30.88 24.69 10.73
CA TRP B 74 30.20 24.01 9.62
C TRP B 74 29.03 23.18 10.13
N GLN B 75 27.84 23.39 9.56
CA GLN B 75 26.64 22.66 9.97
C GLN B 75 26.40 21.39 9.15
N PRO B 76 26.43 20.23 9.79
CA PRO B 76 26.08 18.99 9.08
C PRO B 76 24.65 19.07 8.54
N PRO B 77 24.35 18.28 7.50
CA PRO B 77 22.98 18.10 7.03
C PRO B 77 22.01 17.73 8.16
N GLU B 78 20.79 18.26 8.09
CA GLU B 78 19.71 17.92 9.01
C GLU B 78 19.73 16.44 9.41
N VAL B 79 19.79 15.54 8.44
CA VAL B 79 19.61 14.12 8.74
C VAL B 79 20.76 13.59 9.62
N ILE B 80 21.95 14.11 9.41
CA ILE B 80 23.09 13.67 10.20
C ILE B 80 22.98 14.21 11.63
N GLN B 81 22.63 15.49 11.75
CA GLN B 81 22.49 16.12 13.06
C GLN B 81 21.46 15.38 13.89
N GLN B 82 20.38 14.95 13.24
CA GLN B 82 19.29 14.28 13.94
C GLN B 82 19.62 12.85 14.37
N TYR B 83 20.37 12.12 13.54
CA TYR B 83 20.44 10.64 13.62
C TYR B 83 21.84 10.03 13.75
N LEU B 84 22.90 10.82 13.58
CA LEU B 84 24.24 10.30 13.88
C LEU B 84 24.47 10.29 15.40
N SER B 85 24.56 9.09 15.98
CA SER B 85 24.60 8.94 17.43
C SER B 85 25.97 9.34 17.99
N GLY B 86 26.02 9.43 19.32
CA GLY B 86 27.24 9.85 20.00
C GLY B 86 27.15 11.25 20.55
N GLY B 87 28.11 11.60 21.41
CA GLY B 87 28.15 12.95 21.89
C GLY B 87 29.17 13.14 22.97
N MET B 88 29.57 14.40 23.15
CA MET B 88 30.47 14.81 24.24
C MET B 88 29.66 14.99 25.51
N CYS B 89 30.09 14.33 26.60
CA CYS B 89 29.37 14.45 27.87
C CYS B 89 30.29 14.23 29.08
N GLY B 90 30.48 15.29 29.87
CA GLY B 90 31.24 15.21 31.11
C GLY B 90 32.75 15.25 30.90
N TYR B 91 33.48 15.34 32.00
CA TYR B 91 34.95 15.31 31.99
C TYR B 91 35.41 14.24 32.95
N ASP B 92 36.51 13.57 32.64
CA ASP B 92 37.04 12.54 33.53
C ASP B 92 37.82 13.19 34.68
N LEU B 93 38.40 12.38 35.57
CA LEU B 93 38.89 12.93 36.83
C LEU B 93 40.13 13.81 36.62
N ASP B 94 40.80 13.64 35.50
CA ASP B 94 41.93 14.49 35.13
C ASP B 94 41.50 15.73 34.36
N GLY B 95 40.22 15.86 34.08
CA GLY B 95 39.70 17.02 33.39
C GLY B 95 39.55 16.85 31.88
N CYS B 96 39.84 15.66 31.38
CA CYS B 96 39.77 15.38 29.93
C CYS B 96 38.32 15.17 29.49
N PRO B 97 37.98 15.67 28.31
CA PRO B 97 36.63 15.48 27.74
C PRO B 97 36.32 13.98 27.58
N VAL B 98 35.04 13.63 27.78
CA VAL B 98 34.58 12.27 27.57
C VAL B 98 33.68 12.34 26.35
N TRP B 99 33.90 11.39 25.44
CA TRP B 99 33.08 11.16 24.25
C TRP B 99 32.39 9.79 24.35
N TYR B 100 31.07 9.80 24.12
CA TYR B 100 30.26 8.57 23.98
C TYR B 100 30.00 8.23 22.52
N ASP B 101 30.37 7.02 22.11
CA ASP B 101 29.89 6.39 20.86
C ASP B 101 28.78 5.39 21.17
N ILE B 102 27.68 5.47 20.42
CA ILE B 102 26.51 4.65 20.66
C ILE B 102 26.18 3.87 19.40
N ILE B 103 26.66 2.62 19.35
CA ILE B 103 26.75 1.85 18.11
C ILE B 103 25.41 1.18 17.76
N GLY B 104 24.74 0.59 18.76
CA GLY B 104 23.55 -0.22 18.51
C GLY B 104 22.50 0.41 17.60
N PRO B 105 21.96 1.57 18.01
CA PRO B 105 20.86 2.22 17.29
C PRO B 105 21.30 3.04 16.07
N LEU B 106 22.59 3.03 15.76
CA LEU B 106 23.09 3.66 14.55
C LEU B 106 22.55 2.98 13.30
N ASP B 107 22.01 3.79 12.38
CA ASP B 107 21.46 3.28 11.12
C ASP B 107 22.35 3.75 9.96
N ALA B 108 23.44 3.00 9.72
CA ALA B 108 24.42 3.44 8.74
C ALA B 108 23.89 3.43 7.31
N LYS B 109 23.04 2.46 6.97
CA LYS B 109 22.35 2.46 5.69
C LYS B 109 21.56 3.77 5.48
N GLY B 110 20.68 4.10 6.41
CA GLY B 110 19.92 5.34 6.29
C GLY B 110 20.80 6.57 6.13
N LEU B 111 21.91 6.62 6.87
CA LEU B 111 22.85 7.75 6.76
C LEU B 111 23.51 7.82 5.40
N LEU B 112 24.05 6.70 4.95
CA LEU B 112 24.66 6.65 3.60
C LEU B 112 23.67 6.85 2.46
N PHE B 113 22.40 6.49 2.68
CA PHE B 113 21.37 6.74 1.67
C PHE B 113 20.73 8.14 1.71
N SER B 114 21.04 8.95 2.71
CA SER B 114 20.38 10.24 2.90
C SER B 114 21.34 11.44 2.85
N ALA B 115 22.64 11.16 2.91
CA ALA B 115 23.69 12.18 2.82
C ALA B 115 24.94 11.57 2.16
N SER B 116 25.82 12.43 1.67
CA SER B 116 27.00 11.94 0.95
C SER B 116 27.97 11.26 1.93
N LYS B 117 28.75 10.31 1.45
CA LYS B 117 29.80 9.75 2.29
C LYS B 117 30.73 10.88 2.76
N GLN B 118 30.97 11.86 1.89
CA GLN B 118 31.85 12.98 2.22
C GLN B 118 31.33 13.76 3.44
N ASP B 119 30.04 14.03 3.48
CA ASP B 119 29.46 14.85 4.55
C ASP B 119 29.48 14.08 5.85
N LEU B 120 29.25 12.76 5.78
CA LEU B 120 29.36 11.93 6.98
C LEU B 120 30.79 11.94 7.57
N LEU B 121 31.76 11.70 6.70
CA LEU B 121 33.17 11.71 7.12
C LEU B 121 33.58 13.09 7.65
N ARG B 122 33.05 14.14 7.05
CA ARG B 122 33.33 15.50 7.51
C ARG B 122 32.74 15.78 8.89
N THR B 123 31.55 15.23 9.15
CA THR B 123 30.95 15.33 10.47
C THR B 123 31.82 14.67 11.53
N LYS B 124 32.40 13.51 11.22
CA LYS B 124 33.31 12.84 12.14
C LYS B 124 34.58 13.65 12.37
N MET B 125 35.17 14.20 11.30
CA MET B 125 36.31 15.10 11.47
C MET B 125 35.94 16.22 12.43
N ARG B 126 34.78 16.81 12.20
CA ARG B 126 34.31 17.93 13.00
C ARG B 126 34.16 17.56 14.47
N GLU B 127 33.63 16.37 14.76
CA GLU B 127 33.64 15.81 16.12
C GLU B 127 35.04 15.80 16.74
N CYS B 128 36.02 15.35 15.97
CA CYS B 128 37.40 15.31 16.48
C CYS B 128 37.92 16.72 16.80
N GLU B 129 37.63 17.67 15.91
CA GLU B 129 37.97 19.07 16.14
C GLU B 129 37.24 19.68 17.31
N LEU B 130 35.96 19.38 17.45
CA LEU B 130 35.22 19.86 18.61
C LEU B 130 35.89 19.37 19.91
N LEU B 131 36.35 18.12 19.90
CA LEU B 131 37.00 17.53 21.05
C LEU B 131 38.35 18.20 21.36
N LEU B 132 39.17 18.40 20.32
CA LEU B 132 40.40 19.17 20.48
C LEU B 132 40.12 20.57 21.01
N GLN B 133 39.08 21.23 20.49
CA GLN B 133 38.70 22.57 20.96
C GLN B 133 38.29 22.51 22.44
N GLU B 134 37.56 21.47 22.81
CA GLU B 134 37.21 21.28 24.21
C GLU B 134 38.44 21.12 25.12
N CYS B 135 39.45 20.39 24.63
CA CYS B 135 40.73 20.26 25.36
C CYS B 135 41.43 21.61 25.51
N ALA B 136 41.41 22.42 24.46
CA ALA B 136 41.89 23.80 24.56
C ALA B 136 41.11 24.61 25.61
N HIS B 137 39.79 24.45 25.62
CA HIS B 137 38.97 25.16 26.60
C HIS B 137 39.29 24.67 28.00
N GLN B 138 39.40 23.36 28.17
CA GLN B 138 39.76 22.82 29.47
C GLN B 138 41.13 23.28 29.93
N THR B 139 42.09 23.40 29.00
CA THR B 139 43.42 23.89 29.32
C THR B 139 43.36 25.28 29.95
N THR B 140 42.57 26.17 29.36
CA THR B 140 42.39 27.52 29.91
C THR B 140 41.62 27.48 31.24
N LYS B 141 40.56 26.70 31.29
CA LYS B 141 39.75 26.61 32.50
C LYS B 141 40.52 26.04 33.72
N LEU B 142 41.31 25.00 33.48
CA LEU B 142 42.00 24.30 34.57
C LEU B 142 43.40 24.83 34.85
N GLY B 143 43.91 25.69 33.97
CA GLY B 143 45.23 26.29 34.14
C GLY B 143 46.38 25.31 33.93
N ARG B 144 46.14 24.26 33.16
CA ARG B 144 47.17 23.26 32.87
C ARG B 144 46.84 22.54 31.56
N LYS B 145 47.85 22.02 30.86
CA LYS B 145 47.62 21.47 29.52
C LYS B 145 46.75 20.22 29.57
N VAL B 146 45.60 20.26 28.90
CA VAL B 146 44.79 19.06 28.66
C VAL B 146 44.73 18.82 27.15
N GLU B 147 45.01 17.59 26.71
CA GLU B 147 45.08 17.31 25.27
C GLU B 147 44.72 15.87 24.87
N THR B 148 44.12 15.11 25.78
CA THR B 148 43.63 13.77 25.41
C THR B 148 42.18 13.56 25.81
N ILE B 149 41.58 12.49 25.29
CA ILE B 149 40.15 12.26 25.48
C ILE B 149 39.87 10.82 25.94
N THR B 150 38.81 10.65 26.71
CA THR B 150 38.38 9.34 27.17
C THR B 150 37.14 9.00 26.36
N ILE B 151 37.08 7.78 25.83
CA ILE B 151 35.95 7.35 25.02
C ILE B 151 35.22 6.21 25.73
N ILE B 152 33.89 6.35 25.80
CA ILE B 152 33.01 5.26 26.22
C ILE B 152 32.28 4.76 24.97
N TYR B 153 32.53 3.51 24.65
CA TYR B 153 32.15 2.97 23.34
C TYR B 153 31.06 1.93 23.61
N ASP B 154 29.81 2.33 23.44
CA ASP B 154 28.69 1.49 23.85
C ASP B 154 28.26 0.54 22.71
N CYS B 155 28.56 -0.75 22.86
CA CYS B 155 28.28 -1.77 21.85
C CYS B 155 27.00 -2.59 22.10
N GLU B 156 26.21 -2.17 23.08
CA GLU B 156 24.91 -2.78 23.27
C GLU B 156 24.14 -2.68 21.93
N GLY B 157 23.56 -3.79 21.52
CA GLY B 157 22.77 -3.80 20.30
C GLY B 157 23.62 -3.93 19.04
N LEU B 158 24.94 -4.10 19.18
CA LEU B 158 25.78 -4.41 17.99
C LEU B 158 25.28 -5.71 17.37
N GLY B 159 25.03 -5.70 16.07
CA GLY B 159 24.37 -6.83 15.41
C GLY B 159 24.81 -6.99 13.95
N LEU B 160 24.20 -7.95 13.26
CA LEU B 160 24.59 -8.28 11.87
C LEU B 160 24.46 -7.08 10.94
N LYS B 161 23.48 -6.22 11.20
CA LYS B 161 23.31 -5.02 10.39
C LYS B 161 24.58 -4.17 10.35
N HIS B 162 25.37 -4.19 11.44
CA HIS B 162 26.60 -3.38 11.52
C HIS B 162 27.75 -3.93 10.68
N LEU B 163 27.56 -5.13 10.12
CA LEU B 163 28.59 -5.73 9.27
C LEU B 163 28.43 -5.39 7.79
N TRP B 164 27.39 -4.63 7.47
CA TRP B 164 27.11 -4.18 6.11
C TRP B 164 28.37 -3.55 5.54
N LYS B 165 28.84 -4.08 4.41
CA LYS B 165 30.20 -3.83 3.95
C LYS B 165 30.52 -2.34 3.68
N PRO B 166 29.67 -1.60 2.97
CA PRO B 166 29.91 -0.15 2.78
C PRO B 166 30.04 0.63 4.10
N ALA B 167 29.33 0.23 5.15
CA ALA B 167 29.45 0.93 6.43
C ALA B 167 30.78 0.61 7.10
N VAL B 168 31.20 -0.64 7.04
CA VAL B 168 32.55 -0.99 7.47
C VAL B 168 33.63 -0.18 6.72
N GLU B 169 33.53 -0.13 5.40
CA GLU B 169 34.51 0.61 4.60
C GLU B 169 34.50 2.10 4.96
N ALA B 170 33.32 2.69 5.15
CA ALA B 170 33.25 4.12 5.49
C ALA B 170 33.87 4.36 6.86
N TYR B 171 33.58 3.48 7.82
CA TYR B 171 34.14 3.59 9.17
C TYR B 171 35.65 3.47 9.14
N GLY B 172 36.16 2.52 8.34
CA GLY B 172 37.60 2.42 8.09
C GLY B 172 38.26 3.69 7.55
N GLU B 173 37.59 4.40 6.66
CA GLU B 173 38.07 5.69 6.21
C GLU B 173 38.18 6.72 7.33
N PHE B 174 37.19 6.74 8.20
CA PHE B 174 37.23 7.60 9.36
C PHE B 174 38.36 7.22 10.32
N LEU B 175 38.49 5.93 10.61
CA LEU B 175 39.55 5.45 11.50
C LEU B 175 40.94 5.82 10.97
N CYS B 176 41.20 5.55 9.70
CA CYS B 176 42.45 5.97 9.09
C CYS B 176 42.67 7.48 9.18
N MET B 177 41.63 8.27 8.92
CA MET B 177 41.75 9.72 9.07
C MET B 177 42.12 10.06 10.52
N PHE B 178 41.45 9.40 11.46
CA PHE B 178 41.72 9.64 12.87
C PHE B 178 43.18 9.34 13.22
N GLU B 179 43.70 8.21 12.76
CA GLU B 179 45.08 7.80 13.09
C GLU B 179 46.15 8.71 12.49
N GLU B 180 45.91 9.21 11.28
CA GLU B 180 46.87 10.08 10.59
C GLU B 180 46.83 11.54 11.07
N ASN B 181 45.71 11.95 11.63
CA ASN B 181 45.47 13.39 11.87
C ASN B 181 45.26 13.77 13.31
N TYR B 182 44.93 12.80 14.15
CA TYR B 182 44.73 13.05 15.58
C TYR B 182 45.53 12.05 16.43
N PRO B 183 46.83 11.97 16.18
CA PRO B 183 47.69 11.00 16.89
C PRO B 183 47.83 11.39 18.37
N GLU B 184 48.00 10.40 19.24
CA GLU B 184 48.25 10.64 20.67
C GLU B 184 47.17 11.50 21.34
N THR B 185 45.94 11.36 20.85
CA THR B 185 44.82 12.15 21.35
C THR B 185 43.92 11.27 22.25
N LEU B 186 43.84 9.98 21.93
CA LEU B 186 43.09 9.02 22.74
C LEU B 186 43.83 8.65 24.01
N LYS B 187 43.17 8.85 25.14
CA LYS B 187 43.70 8.47 26.44
C LYS B 187 43.36 7.02 26.75
N ARG B 188 42.10 6.66 26.54
CA ARG B 188 41.57 5.39 26.97
C ARG B 188 40.20 5.23 26.31
N LEU B 189 39.89 4.01 25.88
CA LEU B 189 38.58 3.70 25.28
C LEU B 189 38.00 2.49 25.98
N PHE B 190 36.81 2.66 26.56
CA PHE B 190 36.18 1.59 27.29
C PHE B 190 35.09 1.01 26.39
N VAL B 191 35.21 -0.25 26.01
CA VAL B 191 34.11 -0.88 25.29
C VAL B 191 33.14 -1.47 26.30
N VAL B 192 31.89 -1.02 26.30
CA VAL B 192 30.93 -1.51 27.29
C VAL B 192 29.75 -2.26 26.64
N LYS B 193 29.29 -3.30 27.31
CA LYS B 193 28.15 -4.11 26.89
C LYS B 193 28.39 -4.81 25.54
N ALA B 194 29.63 -5.19 25.23
CA ALA B 194 29.90 -5.86 23.96
C ALA B 194 29.19 -7.21 23.92
N PRO B 195 28.42 -7.48 22.87
CA PRO B 195 27.76 -8.79 22.73
C PRO B 195 28.64 -9.76 21.99
N LYS B 196 28.07 -10.92 21.68
CA LYS B 196 28.85 -12.07 21.22
C LYS B 196 29.47 -11.78 19.85
N LEU B 197 28.82 -10.91 19.10
CA LEU B 197 29.30 -10.55 17.77
C LEU B 197 30.56 -9.65 17.78
N PHE B 198 30.97 -9.18 18.97
CA PHE B 198 32.03 -8.18 19.02
C PHE B 198 33.35 -8.62 18.33
N PRO B 199 33.85 -9.82 18.59
CA PRO B 199 35.09 -10.27 17.93
C PRO B 199 35.05 -10.29 16.39
N VAL B 200 33.93 -10.71 15.81
CA VAL B 200 33.79 -10.69 14.36
C VAL B 200 33.80 -9.23 13.86
N ALA B 201 33.01 -8.38 14.51
CA ALA B 201 32.99 -6.94 14.17
C ALA B 201 34.35 -6.26 14.34
N TYR B 202 35.05 -6.57 15.43
CA TYR B 202 36.33 -5.93 15.73
C TYR B 202 37.37 -6.36 14.72
N ASN B 203 37.33 -7.63 14.32
CA ASN B 203 38.27 -8.14 13.34
C ASN B 203 38.18 -7.39 11.99
N LEU B 204 37.00 -6.90 11.65
CA LEU B 204 36.80 -6.10 10.43
C LEU B 204 37.53 -4.74 10.44
N ILE B 205 37.64 -4.12 11.61
CA ILE B 205 38.22 -2.76 11.65
C ILE B 205 39.63 -2.73 12.28
N LYS B 206 40.04 -3.85 12.87
CA LYS B 206 41.35 -3.96 13.50
C LYS B 206 42.52 -3.49 12.60
N PRO B 207 42.49 -3.83 11.32
CA PRO B 207 43.57 -3.41 10.39
C PRO B 207 43.78 -1.90 10.31
N PHE B 208 42.74 -1.12 10.61
CA PHE B 208 42.79 0.33 10.45
C PHE B 208 43.37 1.04 11.67
N LEU B 209 43.56 0.30 12.76
CA LEU B 209 43.97 0.89 14.04
C LEU B 209 45.48 0.80 14.24
N SER B 210 46.08 1.85 14.77
CA SER B 210 47.49 1.81 15.17
C SER B 210 47.68 0.90 16.39
N GLU B 211 48.90 0.40 16.59
CA GLU B 211 49.24 -0.31 17.82
C GLU B 211 48.95 0.54 19.06
N ASP B 212 49.20 1.85 18.97
CA ASP B 212 48.94 2.77 20.09
C ASP B 212 47.47 2.75 20.43
N THR B 213 46.63 2.86 19.42
CA THR B 213 45.20 2.89 19.67
C THR B 213 44.75 1.56 20.25
N ARG B 214 45.23 0.47 19.66
CA ARG B 214 44.81 -0.86 20.10
C ARG B 214 45.13 -1.07 21.59
N LYS B 215 46.28 -0.54 22.02
CA LYS B 215 46.69 -0.67 23.42
C LYS B 215 45.74 0.06 24.39
N LYS B 216 45.02 1.05 23.87
CA LYS B 216 44.20 1.93 24.72
C LYS B 216 42.74 1.45 24.87
N ILE B 217 42.40 0.40 24.13
CA ILE B 217 41.07 -0.18 24.08
C ILE B 217 40.95 -1.20 25.20
N MET B 218 39.95 -1.02 26.04
CA MET B 218 39.74 -1.92 27.17
C MET B 218 38.35 -2.48 27.03
N VAL B 219 38.26 -3.78 26.74
CA VAL B 219 36.94 -4.42 26.63
C VAL B 219 36.46 -4.82 28.03
N LEU B 220 35.43 -4.15 28.51
CA LEU B 220 34.97 -4.32 29.89
C LEU B 220 33.98 -5.48 29.99
N GLY B 221 33.80 -6.02 31.20
CA GLY B 221 32.81 -7.06 31.42
C GLY B 221 31.59 -6.57 32.18
N ALA B 222 30.99 -7.45 32.98
CA ALA B 222 29.71 -7.16 33.60
C ALA B 222 29.79 -6.04 34.63
N ASN B 223 31.01 -5.81 35.16
CA ASN B 223 31.24 -4.79 36.19
C ASN B 223 31.59 -3.41 35.58
N TRP B 224 31.22 -3.18 34.33
CA TRP B 224 31.67 -1.99 33.59
C TRP B 224 31.34 -0.65 34.25
N LYS B 225 30.18 -0.54 34.89
CA LYS B 225 29.82 0.71 35.56
C LYS B 225 30.80 1.04 36.67
N GLU B 226 31.14 0.06 37.49
CA GLU B 226 32.16 0.24 38.54
C GLU B 226 33.47 0.74 37.96
N VAL B 227 33.87 0.17 36.82
CA VAL B 227 35.11 0.56 36.19
C VAL B 227 35.09 2.03 35.76
N LEU B 228 34.02 2.47 35.11
CA LEU B 228 33.94 3.87 34.65
C LEU B 228 34.07 4.82 35.80
N LEU B 229 33.47 4.44 36.93
CA LEU B 229 33.44 5.26 38.13
C LEU B 229 34.78 5.27 38.87
N LYS B 230 35.73 4.45 38.43
CA LYS B 230 37.12 4.57 38.87
C LYS B 230 37.82 5.76 38.21
N HIS B 231 37.23 6.28 37.13
CA HIS B 231 37.93 7.19 36.21
C HIS B 231 37.18 8.49 35.95
N ILE B 232 35.88 8.49 36.25
CA ILE B 232 35.01 9.64 36.03
C ILE B 232 34.12 9.83 37.24
N SER B 233 34.02 11.06 37.73
CA SER B 233 33.13 11.38 38.85
C SER B 233 31.68 11.05 38.49
N PRO B 234 30.89 10.56 39.45
CA PRO B 234 29.49 10.21 39.18
C PRO B 234 28.68 11.37 38.58
N ASP B 235 28.94 12.60 39.02
CA ASP B 235 28.18 13.75 38.52
C ASP B 235 28.55 14.12 37.09
N GLN B 236 29.56 13.44 36.53
CA GLN B 236 29.97 13.62 35.15
C GLN B 236 29.47 12.51 34.22
N VAL B 237 28.80 11.50 34.79
CA VAL B 237 28.33 10.35 34.01
C VAL B 237 26.80 10.26 34.01
N PRO B 238 26.20 10.08 32.85
CA PRO B 238 24.74 9.93 32.77
C PRO B 238 24.26 8.79 33.67
N VAL B 239 23.10 8.98 34.28
CA VAL B 239 22.48 7.88 35.03
C VAL B 239 22.49 6.60 34.19
N GLU B 240 22.31 6.76 32.88
CA GLU B 240 22.25 5.62 31.98
C GLU B 240 23.55 4.82 32.00
N TYR B 241 24.68 5.48 32.24
CA TYR B 241 25.98 4.78 32.32
C TYR B 241 26.53 4.64 33.74
N GLY B 242 25.69 4.87 34.74
CA GLY B 242 26.02 4.49 36.09
C GLY B 242 26.24 5.70 37.00
N GLY B 243 26.08 6.90 36.44
CA GLY B 243 26.41 8.12 37.16
C GLY B 243 25.15 8.78 37.69
N THR B 244 25.21 10.07 37.98
CA THR B 244 24.02 10.78 38.50
C THR B 244 23.52 11.89 37.58
N MET B 245 24.18 12.10 36.45
CA MET B 245 23.81 13.19 35.55
C MET B 245 22.51 12.86 34.82
N THR B 246 21.62 13.86 34.71
CA THR B 246 20.47 13.79 33.81
C THR B 246 20.40 15.05 32.97
N ASP B 247 19.55 15.02 31.94
CA ASP B 247 19.07 16.24 31.32
C ASP B 247 18.38 17.13 32.36
N PRO B 248 18.36 18.43 32.11
CA PRO B 248 17.61 19.39 32.94
C PRO B 248 16.16 18.97 33.21
N ASP B 249 15.60 18.13 32.34
CA ASP B 249 14.23 17.62 32.55
C ASP B 249 14.18 16.28 33.27
N GLY B 250 15.35 15.77 33.70
CA GLY B 250 15.40 14.53 34.44
C GLY B 250 15.65 13.27 33.62
N ASN B 251 15.72 13.39 32.29
CA ASN B 251 16.07 12.25 31.44
C ASN B 251 17.45 11.69 31.79
N PRO B 252 17.49 10.44 32.21
CA PRO B 252 18.73 9.78 32.63
C PRO B 252 19.69 9.49 31.48
N LYS B 253 19.25 9.69 30.25
CA LYS B 253 20.09 9.43 29.07
C LYS B 253 20.94 10.61 28.66
N CYS B 254 20.65 11.79 29.23
CA CYS B 254 21.41 12.98 28.87
C CYS B 254 21.37 13.22 27.35
N LYS B 255 20.15 13.18 26.80
CA LYS B 255 19.96 13.36 25.36
C LYS B 255 20.33 14.77 24.86
N SER B 256 20.34 15.75 25.75
CA SER B 256 20.77 17.09 25.36
C SER B 256 22.23 17.08 24.90
N LYS B 257 22.97 16.05 25.29
CA LYS B 257 24.40 15.98 25.01
C LYS B 257 24.73 14.78 24.15
N ILE B 258 24.05 13.65 24.42
CA ILE B 258 24.31 12.42 23.68
C ILE B 258 23.16 12.09 22.74
N ASN B 259 23.49 11.91 21.47
CA ASN B 259 22.53 11.48 20.44
C ASN B 259 22.41 9.96 20.42
N TYR B 260 21.17 9.46 20.43
CA TYR B 260 20.98 8.01 20.48
C TYR B 260 20.55 7.39 19.13
N GLY B 261 20.84 8.07 18.03
CA GLY B 261 20.61 7.50 16.69
C GLY B 261 19.14 7.19 16.47
N GLY B 262 18.85 6.02 15.92
CA GLY B 262 17.50 5.76 15.44
C GLY B 262 17.49 5.44 13.95
N ASP B 263 16.46 4.72 13.53
CA ASP B 263 16.26 4.45 12.11
C ASP B 263 15.87 5.74 11.39
N ILE B 264 16.53 6.02 10.28
CA ILE B 264 16.24 7.25 9.57
C ILE B 264 14.99 7.02 8.71
N PRO B 265 14.01 7.92 8.83
CA PRO B 265 12.81 7.85 8.00
C PRO B 265 13.13 7.85 6.51
N ARG B 266 12.44 7.01 5.75
CA ARG B 266 12.72 6.86 4.33
C ARG B 266 12.64 8.18 3.56
N LYS B 267 11.86 9.12 4.05
CA LYS B 267 11.70 10.40 3.35
C LYS B 267 13.03 11.18 3.25
N TYR B 268 14.03 10.80 4.03
CA TYR B 268 15.32 11.48 3.91
C TYR B 268 16.22 10.93 2.79
N TYR B 269 15.89 9.76 2.26
CA TYR B 269 16.78 9.04 1.33
C TYR B 269 16.90 9.81 0.02
N VAL B 270 18.12 9.96 -0.47
CA VAL B 270 18.37 10.61 -1.76
C VAL B 270 18.86 9.56 -2.75
N ARG B 271 19.04 8.34 -2.29
CA ARG B 271 19.43 7.20 -3.11
C ARG B 271 19.00 5.92 -2.41
N ASP B 272 19.07 4.79 -3.11
CA ASP B 272 18.68 3.52 -2.53
C ASP B 272 19.81 2.47 -2.53
N GLN B 273 21.02 2.89 -2.88
CA GLN B 273 22.17 2.01 -2.93
C GLN B 273 23.37 2.90 -3.03
N VAL B 274 24.53 2.34 -2.72
CA VAL B 274 25.78 3.02 -2.97
C VAL B 274 26.53 2.23 -4.05
N LYS B 275 27.56 2.84 -4.64
CA LYS B 275 28.38 2.17 -5.63
C LYS B 275 29.11 0.97 -5.02
N GLN B 276 29.11 -0.16 -5.73
CA GLN B 276 29.62 -1.43 -5.21
C GLN B 276 30.38 -2.14 -6.32
N GLN B 277 31.41 -2.89 -5.96
CA GLN B 277 32.01 -3.83 -6.92
C GLN B 277 31.95 -5.24 -6.36
N TYR B 278 32.16 -6.22 -7.24
CA TYR B 278 31.86 -7.63 -6.93
C TYR B 278 33.04 -8.52 -7.33
N GLU B 279 33.31 -9.53 -6.52
CA GLU B 279 34.44 -10.45 -6.70
C GLU B 279 34.20 -11.45 -7.82
N HIS B 280 32.94 -11.69 -8.15
CA HIS B 280 32.59 -12.71 -9.15
C HIS B 280 31.50 -12.21 -10.07
N SER B 281 31.57 -12.63 -11.32
CA SER B 281 30.56 -12.33 -12.31
C SER B 281 30.27 -13.60 -13.10
N VAL B 282 29.04 -14.08 -13.05
CA VAL B 282 28.76 -15.37 -13.66
C VAL B 282 27.58 -15.21 -14.61
N GLN B 283 27.72 -15.75 -15.82
CA GLN B 283 26.62 -15.87 -16.75
C GLN B 283 25.66 -16.95 -16.28
N ILE B 284 24.37 -16.68 -16.36
CA ILE B 284 23.35 -17.68 -16.06
C ILE B 284 22.29 -17.71 -17.17
N SER B 285 22.10 -18.88 -17.78
CA SER B 285 21.17 -19.02 -18.89
C SER B 285 19.73 -18.94 -18.39
N ARG B 286 18.83 -18.60 -19.31
CA ARG B 286 17.39 -18.62 -19.04
C ARG B 286 17.04 -19.94 -18.39
N GLY B 287 16.36 -19.89 -17.23
CA GLY B 287 15.86 -21.10 -16.61
C GLY B 287 16.89 -21.86 -15.78
N SER B 288 18.16 -21.45 -15.80
CA SER B 288 19.23 -22.20 -15.10
C SER B 288 19.53 -21.62 -13.71
N SER B 289 20.40 -22.32 -12.97
CA SER B 289 20.83 -21.91 -11.63
C SER B 289 22.36 -21.86 -11.58
N HIS B 290 22.91 -21.06 -10.67
CA HIS B 290 24.33 -21.10 -10.33
C HIS B 290 24.53 -21.34 -8.83
N GLN B 291 25.40 -22.29 -8.47
CA GLN B 291 25.64 -22.60 -7.04
C GLN B 291 27.05 -22.23 -6.67
N VAL B 292 27.22 -21.61 -5.51
CA VAL B 292 28.54 -21.35 -4.93
C VAL B 292 28.64 -22.05 -3.58
N GLU B 293 29.78 -22.67 -3.30
CA GLU B 293 29.97 -23.43 -2.07
C GLU B 293 31.08 -22.86 -1.20
N TYR B 294 30.82 -22.79 0.12
CA TYR B 294 31.81 -22.46 1.13
C TYR B 294 31.79 -23.51 2.24
N GLU B 295 32.95 -24.11 2.54
CA GLU B 295 33.07 -24.97 3.70
C GLU B 295 33.38 -24.16 4.93
N ILE B 296 32.51 -24.29 5.92
CA ILE B 296 32.63 -23.53 7.16
C ILE B 296 32.72 -24.52 8.30
N LEU B 297 33.91 -24.65 8.87
CA LEU B 297 34.27 -25.77 9.69
C LEU B 297 34.30 -25.32 11.14
N PHE B 298 34.64 -24.06 11.38
CA PHE B 298 34.87 -23.58 12.74
C PHE B 298 33.72 -22.71 13.25
N PRO B 299 33.56 -22.62 14.57
CA PRO B 299 32.41 -21.94 15.15
C PRO B 299 32.60 -20.42 15.15
N GLY B 300 31.48 -19.70 15.21
CA GLY B 300 31.53 -18.26 15.39
C GLY B 300 31.79 -17.46 14.13
N CYS B 301 31.57 -18.07 12.96
CA CYS B 301 31.82 -17.39 11.70
C CYS B 301 30.54 -16.77 11.18
N VAL B 302 30.68 -15.76 10.34
CA VAL B 302 29.52 -15.10 9.75
C VAL B 302 29.67 -15.03 8.26
N LEU B 303 28.66 -15.50 7.55
CA LEU B 303 28.63 -15.43 6.11
C LEU B 303 28.05 -14.09 5.68
N ARG B 304 28.74 -13.36 4.82
CA ARG B 304 28.25 -12.05 4.39
C ARG B 304 28.26 -11.97 2.87
N TRP B 305 27.18 -11.49 2.26
CA TRP B 305 27.11 -11.46 0.80
C TRP B 305 26.52 -10.16 0.30
N GLN B 306 26.85 -9.85 -0.96
CA GLN B 306 26.12 -8.88 -1.75
C GLN B 306 26.03 -9.34 -3.20
N PHE B 307 24.92 -9.01 -3.84
CA PHE B 307 24.77 -9.39 -5.24
C PHE B 307 23.85 -8.45 -6.00
N MET B 308 24.05 -8.42 -7.31
CA MET B 308 23.16 -7.72 -8.21
C MET B 308 23.00 -8.60 -9.44
N SER B 309 21.86 -8.51 -10.09
CA SER B 309 21.64 -9.24 -11.32
C SER B 309 21.47 -8.27 -12.48
N ASP B 310 21.74 -8.80 -13.67
CA ASP B 310 21.75 -8.02 -14.89
C ASP B 310 20.57 -8.50 -15.71
N GLY B 311 19.52 -7.68 -15.79
CA GLY B 311 18.46 -7.96 -16.74
C GLY B 311 17.11 -8.30 -16.14
N ALA B 312 17.11 -8.81 -14.92
CA ALA B 312 15.89 -9.28 -14.27
C ALA B 312 16.19 -9.61 -12.82
N ASP B 313 15.14 -9.86 -12.04
CA ASP B 313 15.29 -10.37 -10.68
C ASP B 313 15.94 -11.77 -10.68
N VAL B 314 16.36 -12.27 -9.52
CA VAL B 314 16.78 -13.68 -9.39
C VAL B 314 16.24 -14.29 -8.11
N GLY B 315 16.10 -15.62 -8.10
CA GLY B 315 15.86 -16.35 -6.86
C GLY B 315 17.18 -16.50 -6.14
N PHE B 316 17.16 -16.47 -4.82
CA PHE B 316 18.39 -16.66 -4.03
C PHE B 316 18.02 -17.43 -2.77
N GLY B 317 18.83 -18.43 -2.41
CA GLY B 317 18.60 -19.14 -1.16
C GLY B 317 19.92 -19.71 -0.66
N ILE B 318 19.96 -20.11 0.59
CA ILE B 318 21.17 -20.74 1.09
C ILE B 318 20.81 -22.07 1.73
N PHE B 319 21.66 -23.07 1.52
CA PHE B 319 21.40 -24.43 1.98
C PHE B 319 22.63 -24.89 2.72
N LEU B 320 22.46 -25.93 3.52
CA LEU B 320 23.57 -26.54 4.23
C LEU B 320 23.61 -27.99 3.84
N LYS B 321 24.77 -28.48 3.41
CA LYS B 321 24.87 -29.82 2.84
C LYS B 321 24.78 -30.85 3.93
N THR B 322 24.02 -31.92 3.65
CA THR B 322 23.73 -32.94 4.64
C THR B 322 24.70 -34.12 4.50
N LYS B 323 25.48 -34.39 5.41
N GLU B 332 19.63 -34.46 1.28
CA GLU B 332 20.96 -34.20 0.62
C GLU B 332 21.35 -32.74 0.75
N MET B 333 20.35 -31.86 0.92
CA MET B 333 20.60 -30.52 1.45
C MET B 333 19.48 -30.05 2.36
N THR B 334 19.80 -29.07 3.20
CA THR B 334 18.86 -28.51 4.16
C THR B 334 18.70 -26.98 3.95
N GLU B 335 17.46 -26.49 3.90
CA GLU B 335 17.26 -25.05 3.71
C GLU B 335 17.79 -24.34 4.92
N VAL B 336 18.55 -23.28 4.71
CA VAL B 336 19.01 -22.45 5.83
C VAL B 336 18.43 -21.06 5.71
N LEU B 337 18.61 -20.45 4.54
CA LEU B 337 17.83 -19.26 4.18
C LEU B 337 16.90 -19.62 3.03
N PRO B 338 15.61 -19.73 3.33
CA PRO B 338 14.65 -20.20 2.31
C PRO B 338 14.63 -19.29 1.08
N ASN B 339 14.44 -19.89 -0.10
CA ASN B 339 14.45 -19.16 -1.36
C ASN B 339 13.42 -18.03 -1.41
N GLN B 340 13.79 -16.93 -2.05
CA GLN B 340 12.88 -15.85 -2.38
C GLN B 340 13.41 -15.20 -3.64
N ARG B 341 12.54 -14.56 -4.43
CA ARG B 341 13.03 -13.72 -5.53
C ARG B 341 13.45 -12.34 -5.03
N TYR B 342 14.46 -11.77 -5.67
CA TYR B 342 14.90 -10.44 -5.29
C TYR B 342 15.04 -9.57 -6.50
N ASN B 343 14.65 -8.31 -6.37
CA ASN B 343 14.80 -7.36 -7.46
C ASN B 343 16.22 -6.78 -7.57
N SER B 344 17.19 -7.68 -7.60
CA SER B 344 18.60 -7.31 -7.51
C SER B 344 19.08 -6.65 -8.77
N HIS B 345 18.21 -6.56 -9.78
CA HIS B 345 18.52 -5.81 -10.99
C HIS B 345 18.24 -4.32 -10.83
N LEU B 346 17.43 -3.97 -9.84
CA LEU B 346 17.13 -2.58 -9.55
C LEU B 346 17.96 -2.08 -8.35
N VAL B 347 17.95 -2.86 -7.28
CA VAL B 347 18.69 -2.52 -6.06
C VAL B 347 19.46 -3.78 -5.66
N PRO B 348 20.77 -3.68 -5.50
CA PRO B 348 21.54 -4.87 -5.10
C PRO B 348 21.14 -5.36 -3.71
N GLU B 349 21.27 -6.66 -3.50
CA GLU B 349 20.91 -7.31 -2.26
C GLU B 349 22.16 -7.47 -1.40
N ASP B 350 21.99 -7.43 -0.09
CA ASP B 350 23.07 -7.82 0.81
C ASP B 350 22.48 -8.58 1.98
N GLY B 351 23.29 -9.38 2.65
CA GLY B 351 22.77 -10.13 3.77
C GLY B 351 23.90 -10.72 4.59
N THR B 352 23.55 -11.25 5.75
CA THR B 352 24.49 -11.94 6.60
C THR B 352 23.81 -13.13 7.22
N LEU B 353 24.62 -14.13 7.57
CA LEU B 353 24.09 -15.31 8.24
C LEU B 353 25.07 -15.76 9.30
N THR B 354 24.58 -15.94 10.53
CA THR B 354 25.35 -16.60 11.56
C THR B 354 25.50 -18.08 11.23
N CYS B 355 26.73 -18.58 11.13
CA CYS B 355 26.94 -19.95 10.68
C CYS B 355 26.99 -20.90 11.88
N SER B 356 25.83 -21.17 12.45
CA SER B 356 25.77 -21.87 13.72
C SER B 356 26.23 -23.32 13.60
N ASP B 357 25.88 -23.97 12.50
CA ASP B 357 26.27 -25.37 12.26
C ASP B 357 27.42 -25.48 11.25
N PRO B 358 28.38 -26.36 11.55
CA PRO B 358 29.47 -26.65 10.61
C PRO B 358 28.96 -27.36 9.36
N GLY B 359 29.56 -27.06 8.22
CA GLY B 359 29.37 -27.89 7.05
C GLY B 359 29.64 -27.09 5.80
N ILE B 360 29.08 -27.55 4.70
CA ILE B 360 29.23 -26.88 3.43
C ILE B 360 27.97 -26.08 3.16
N TYR B 361 28.14 -24.77 3.09
CA TYR B 361 27.05 -23.83 2.82
C TYR B 361 27.00 -23.58 1.34
N VAL B 362 25.78 -23.63 0.78
CA VAL B 362 25.61 -23.55 -0.66
C VAL B 362 24.65 -22.42 -0.93
N LEU B 363 25.10 -21.46 -1.72
CA LEU B 363 24.30 -20.29 -2.07
C LEU B 363 23.87 -20.49 -3.49
N ARG B 364 22.59 -20.28 -3.76
CA ARG B 364 22.10 -20.63 -5.09
C ARG B 364 21.33 -19.46 -5.71
N PHE B 365 21.65 -19.14 -6.95
CA PHE B 365 20.97 -18.11 -7.72
C PHE B 365 20.13 -18.81 -8.78
N ASP B 366 18.83 -18.50 -8.87
CA ASP B 366 17.90 -19.20 -9.75
C ASP B 366 17.30 -18.26 -10.77
N ASN B 367 17.48 -18.58 -12.05
CA ASN B 367 16.89 -17.81 -13.13
C ASN B 367 15.53 -18.41 -13.51
N THR B 368 14.61 -17.54 -13.92
CA THR B 368 13.31 -17.98 -14.47
C THR B 368 13.42 -18.40 -15.93
N TYR B 369 12.51 -19.26 -16.40
CA TYR B 369 12.39 -19.54 -17.84
C TYR B 369 11.72 -18.39 -18.61
N SER B 370 11.30 -17.35 -17.90
CA SER B 370 10.69 -16.20 -18.57
C SER B 370 11.59 -15.60 -19.67
N PHE B 371 10.94 -15.24 -20.78
CA PHE B 371 11.43 -14.27 -21.77
C PHE B 371 12.52 -13.27 -21.32
N ILE B 372 12.23 -12.50 -20.28
CA ILE B 372 13.23 -11.60 -19.68
C ILE B 372 13.79 -12.18 -18.39
N HIS B 373 15.11 -12.28 -18.33
CA HIS B 373 15.78 -13.08 -17.30
C HIS B 373 17.10 -12.41 -17.00
N ALA B 374 17.76 -12.86 -15.94
CA ALA B 374 19.03 -12.27 -15.52
C ALA B 374 20.18 -13.00 -16.19
N LYS B 375 20.69 -12.45 -17.27
CA LYS B 375 21.73 -13.14 -18.01
C LYS B 375 23.07 -13.28 -17.25
N LYS B 376 23.22 -12.50 -16.16
CA LYS B 376 24.45 -12.45 -15.36
C LYS B 376 24.09 -12.11 -13.92
N VAL B 377 24.81 -12.72 -12.99
CA VAL B 377 24.79 -12.29 -11.57
C VAL B 377 26.20 -11.92 -11.13
N ASN B 378 26.35 -10.77 -10.49
CA ASN B 378 27.62 -10.36 -9.91
C ASN B 378 27.49 -10.45 -8.41
N PHE B 379 28.47 -11.05 -7.74
CA PHE B 379 28.35 -11.28 -6.28
C PHE B 379 29.69 -11.25 -5.57
N THR B 380 29.62 -10.97 -4.28
CA THR B 380 30.70 -11.19 -3.35
C THR B 380 30.17 -11.95 -2.17
N VAL B 381 30.89 -12.99 -1.77
CA VAL B 381 30.57 -13.73 -0.56
C VAL B 381 31.85 -13.92 0.22
N GLU B 382 31.78 -13.68 1.53
CA GLU B 382 32.92 -13.82 2.42
C GLU B 382 32.49 -14.50 3.70
N VAL B 383 33.39 -15.30 4.24
CA VAL B 383 33.22 -15.88 5.56
C VAL B 383 34.04 -15.05 6.54
N LEU B 384 33.35 -14.35 7.44
CA LEU B 384 33.96 -13.45 8.43
C LEU B 384 34.35 -14.25 9.66
N LEU B 385 35.59 -14.07 10.13
CA LEU B 385 36.10 -14.80 11.30
C LEU B 385 36.20 -13.88 12.52
N PRO B 386 35.99 -14.42 13.73
CA PRO B 386 36.20 -13.65 14.96
C PRO B 386 37.67 -13.35 15.14
N ASP B 387 37.99 -12.18 15.68
CA ASP B 387 39.33 -11.91 16.16
C ASP B 387 39.65 -12.81 17.37
N LYS B 388 40.65 -13.67 17.24
CA LYS B 388 40.89 -14.67 18.29
C LYS B 388 41.18 -14.04 19.67
N ALA B 389 42.00 -13.00 19.72
CA ALA B 389 42.33 -12.38 21.00
C ALA B 389 41.09 -11.81 21.68
N SER B 390 40.23 -11.16 20.90
CA SER B 390 38.99 -10.62 21.44
C SER B 390 38.09 -11.69 22.00
N GLU B 391 38.00 -12.83 21.32
CA GLU B 391 37.30 -13.98 21.88
C GLU B 391 37.88 -14.33 23.25
N GLU B 392 39.14 -14.75 23.24
CA GLU B 392 39.82 -15.06 24.49
C GLU B 392 39.03 -14.46 25.64
N LYS B 393 39.26 -13.18 25.92
CA LYS B 393 38.46 -12.44 26.90
C LYS B 393 36.97 -12.70 26.74
N MET C 1 -15.92 -12.64 -17.21
CA MET C 1 -14.52 -12.79 -16.73
C MET C 1 -13.78 -11.44 -16.71
N SER C 2 -12.94 -11.25 -15.70
CA SER C 2 -12.56 -9.91 -15.24
C SER C 2 -11.38 -9.31 -16.00
N GLY C 3 -10.81 -10.08 -16.92
CA GLY C 3 -9.58 -9.70 -17.59
C GLY C 3 -8.34 -9.67 -16.71
N ARG C 4 -8.32 -10.52 -15.68
CA ARG C 4 -7.20 -10.57 -14.75
C ARG C 4 -6.55 -11.93 -14.81
N VAL C 5 -5.26 -11.99 -14.48
CA VAL C 5 -4.62 -13.28 -14.27
C VAL C 5 -5.53 -14.14 -13.38
N GLY C 6 -5.78 -15.36 -13.82
CA GLY C 6 -6.66 -16.29 -13.11
C GLY C 6 -8.12 -16.28 -13.56
N ASP C 7 -8.48 -15.35 -14.43
CA ASP C 7 -9.87 -15.20 -14.88
C ASP C 7 -9.91 -14.53 -16.25
N LEU C 8 -9.31 -15.18 -17.24
CA LEU C 8 -9.33 -14.68 -18.61
C LEU C 8 -10.30 -15.49 -19.46
N SER C 9 -11.15 -14.80 -20.22
CA SER C 9 -11.88 -15.49 -21.29
C SER C 9 -10.93 -15.89 -22.40
N PRO C 10 -11.34 -16.83 -23.25
CA PRO C 10 -10.51 -17.27 -24.38
C PRO C 10 -10.16 -16.11 -25.30
N ARG C 11 -11.11 -15.22 -25.53
CA ARG C 11 -10.87 -14.02 -26.33
C ARG C 11 -9.79 -13.13 -25.70
N GLN C 12 -9.82 -13.01 -24.36
CA GLN C 12 -8.85 -12.19 -23.64
C GLN C 12 -7.44 -12.79 -23.61
N LYS C 13 -7.35 -14.10 -23.38
CA LYS C 13 -6.07 -14.79 -23.43
C LYS C 13 -5.46 -14.69 -24.82
N GLU C 14 -6.33 -14.66 -25.83
CA GLU C 14 -5.93 -14.54 -27.21
C GLU C 14 -5.41 -13.13 -27.45
N ALA C 15 -6.19 -12.15 -27.01
CA ALA C 15 -5.79 -10.74 -27.07
C ALA C 15 -4.45 -10.49 -26.40
N LEU C 16 -4.24 -11.14 -25.25
CA LEU C 16 -3.01 -10.95 -24.47
C LEU C 16 -1.79 -11.50 -25.21
N ALA C 17 -1.96 -12.65 -25.88
CA ALA C 17 -0.87 -13.23 -26.67
C ALA C 17 -0.47 -12.32 -27.82
N LYS C 18 -1.45 -11.73 -28.48
CA LYS C 18 -1.19 -10.96 -29.69
C LYS C 18 -0.71 -9.55 -29.34
N PHE C 19 -1.13 -9.04 -28.19
CA PHE C 19 -0.65 -7.78 -27.66
C PHE C 19 0.84 -7.85 -27.35
N ARG C 20 1.26 -8.93 -26.69
CA ARG C 20 2.66 -9.13 -26.36
C ARG C 20 3.50 -9.19 -27.64
N GLU C 21 3.04 -9.99 -28.60
CA GLU C 21 3.60 -9.99 -29.96
C GLU C 21 3.64 -8.57 -30.52
N ASN C 22 2.52 -7.86 -30.41
CA ASN C 22 2.35 -6.57 -31.07
C ASN C 22 3.27 -5.49 -30.51
N VAL C 23 3.57 -5.56 -29.22
CA VAL C 23 4.44 -4.59 -28.58
C VAL C 23 5.76 -5.21 -28.14
N GLN C 24 6.09 -6.36 -28.72
CA GLN C 24 7.44 -6.93 -28.66
C GLN C 24 8.51 -5.83 -28.60
N ASP C 25 8.52 -5.01 -29.70
CA ASP C 25 9.69 -4.21 -30.04
C ASP C 25 9.84 -3.02 -29.11
N VAL C 26 9.15 -3.06 -27.97
CA VAL C 26 9.21 -1.99 -26.99
C VAL C 26 9.29 -2.56 -25.58
N LEU C 27 9.30 -3.89 -25.48
CA LEU C 27 9.17 -4.57 -24.21
C LEU C 27 10.48 -4.62 -23.41
N PRO C 28 11.59 -5.02 -24.03
CA PRO C 28 12.88 -5.12 -23.34
C PRO C 28 13.16 -3.95 -22.39
N ALA C 29 12.65 -2.76 -22.72
CA ALA C 29 13.01 -1.54 -22.00
C ALA C 29 12.01 -1.21 -20.90
N LEU C 30 11.18 -2.18 -20.52
CA LEU C 30 10.17 -1.95 -19.49
C LEU C 30 10.50 -2.67 -18.18
N PRO C 31 10.23 -2.01 -17.07
CA PRO C 31 10.17 -2.65 -15.75
C PRO C 31 9.23 -3.87 -15.71
N ASN C 32 9.82 -5.05 -15.60
CA ASN C 32 9.10 -6.30 -15.45
C ASN C 32 7.76 -6.36 -16.21
N PRO C 33 7.82 -6.54 -17.52
CA PRO C 33 6.62 -6.64 -18.34
C PRO C 33 6.06 -8.05 -18.37
N ASP C 34 5.70 -8.59 -17.20
CA ASP C 34 5.03 -9.89 -17.12
C ASP C 34 3.56 -9.74 -17.53
N ASP C 35 2.78 -10.81 -17.37
CA ASP C 35 1.38 -10.77 -17.79
C ASP C 35 0.52 -9.81 -16.94
N TYR C 36 0.79 -9.72 -15.64
CA TYR C 36 0.09 -8.74 -14.80
C TYR C 36 0.30 -7.32 -15.34
N PHE C 37 1.54 -7.01 -15.68
CA PHE C 37 1.86 -5.72 -16.28
C PHE C 37 1.09 -5.45 -17.57
N LEU C 38 1.15 -6.38 -18.51
CA LEU C 38 0.54 -6.18 -19.83
C LEU C 38 -0.98 -6.03 -19.71
N LEU C 39 -1.57 -6.77 -18.78
CA LEU C 39 -3.02 -6.80 -18.62
C LEU C 39 -3.60 -5.51 -18.05
N ARG C 40 -2.79 -4.73 -17.35
CA ARG C 40 -3.21 -3.41 -16.89
C ARG C 40 -3.54 -2.48 -18.05
N TRP C 41 -2.75 -2.54 -19.10
CA TRP C 41 -2.96 -1.71 -20.28
C TRP C 41 -4.17 -2.20 -21.06
N LEU C 42 -4.32 -3.53 -21.14
CA LEU C 42 -5.44 -4.14 -21.84
C LEU C 42 -6.78 -3.85 -21.14
N ARG C 43 -6.79 -3.91 -19.81
CA ARG C 43 -8.02 -3.61 -19.07
C ARG C 43 -8.35 -2.13 -19.20
N ALA C 44 -7.33 -1.29 -19.20
CA ALA C 44 -7.53 0.15 -19.24
C ALA C 44 -8.21 0.60 -20.53
N ARG C 45 -8.18 -0.26 -21.55
CA ARG C 45 -8.72 0.08 -22.86
C ARG C 45 -9.66 -1.04 -23.36
N SER C 46 -10.30 -1.72 -22.42
CA SER C 46 -11.17 -2.90 -22.68
C SER C 46 -10.69 -3.86 -23.77
N PHE C 47 -9.40 -4.13 -23.78
CA PHE C 47 -8.84 -5.19 -24.62
C PHE C 47 -8.91 -4.88 -26.11
N ASP C 48 -9.14 -3.61 -26.44
CA ASP C 48 -8.80 -3.07 -27.76
C ASP C 48 -7.28 -3.07 -27.95
N LEU C 49 -6.79 -3.91 -28.86
CA LEU C 49 -5.35 -4.03 -29.09
C LEU C 49 -4.74 -2.74 -29.65
N GLN C 50 -5.50 -2.08 -30.51
CA GLN C 50 -5.12 -0.77 -31.04
C GLN C 50 -4.89 0.27 -29.93
N LYS C 51 -5.95 0.55 -29.19
CA LYS C 51 -5.88 1.56 -28.15
C LYS C 51 -4.90 1.14 -27.06
N SER C 52 -4.89 -0.15 -26.73
CA SER C 52 -3.99 -0.65 -25.68
C SER C 52 -2.52 -0.43 -26.05
N GLU C 53 -2.16 -0.68 -27.30
CA GLU C 53 -0.78 -0.48 -27.78
C GLU C 53 -0.39 1.00 -27.83
N ALA C 54 -1.30 1.86 -28.30
CA ALA C 54 -1.08 3.30 -28.26
C ALA C 54 -0.80 3.80 -26.85
N MET C 55 -1.62 3.34 -25.91
CA MET C 55 -1.48 3.75 -24.54
C MET C 55 -0.10 3.38 -23.99
N LEU C 56 0.31 2.13 -24.20
CA LEU C 56 1.60 1.68 -23.67
C LEU C 56 2.80 2.34 -24.37
N ARG C 57 2.74 2.48 -25.69
CA ARG C 57 3.78 3.20 -26.41
C ARG C 57 3.92 4.67 -25.97
N LYS C 58 2.80 5.34 -25.69
CA LYS C 58 2.82 6.69 -25.15
C LYS C 58 3.53 6.67 -23.80
N HIS C 59 3.23 5.65 -22.99
CA HIS C 59 3.86 5.49 -21.68
C HIS C 59 5.35 5.24 -21.80
N VAL C 60 5.73 4.39 -22.76
CA VAL C 60 7.12 4.21 -23.13
C VAL C 60 7.79 5.55 -23.50
N GLU C 61 7.17 6.32 -24.40
CA GLU C 61 7.63 7.67 -24.69
C GLU C 61 7.79 8.50 -23.40
N PHE C 62 6.78 8.42 -22.54
CA PHE C 62 6.74 9.19 -21.29
C PHE C 62 7.92 8.85 -20.39
N ARG C 63 8.22 7.57 -20.27
CA ARG C 63 9.28 7.11 -19.38
C ARG C 63 10.62 7.66 -19.80
N LYS C 64 10.82 7.76 -21.10
CA LYS C 64 12.07 8.28 -21.68
C LYS C 64 12.16 9.81 -21.56
N GLN C 65 11.12 10.51 -22.01
CA GLN C 65 11.06 11.96 -21.84
C GLN C 65 11.35 12.36 -20.39
N LYS C 66 10.72 11.68 -19.44
CA LYS C 66 10.77 12.11 -18.04
C LYS C 66 11.82 11.35 -17.22
N ASP C 67 12.65 10.57 -17.90
CA ASP C 67 13.66 9.77 -17.24
C ASP C 67 13.12 9.03 -16.01
N ILE C 68 12.08 8.24 -16.21
CA ILE C 68 11.40 7.61 -15.08
C ILE C 68 12.29 6.58 -14.39
N ASP C 69 13.21 5.97 -15.13
CA ASP C 69 13.98 4.88 -14.56
C ASP C 69 15.03 5.37 -13.56
N ASN C 70 15.27 6.67 -13.52
CA ASN C 70 15.99 7.27 -12.39
C ASN C 70 15.22 8.38 -11.65
N ILE C 71 13.90 8.43 -11.77
CA ILE C 71 13.13 9.50 -11.11
C ILE C 71 13.09 9.31 -9.61
N ILE C 72 13.36 8.09 -9.16
CA ILE C 72 13.37 7.79 -7.72
C ILE C 72 14.54 8.49 -7.03
N SER C 73 15.59 8.78 -7.79
CA SER C 73 16.77 9.45 -7.24
C SER C 73 16.77 10.96 -7.49
N TRP C 74 15.72 11.44 -8.14
CA TRP C 74 15.58 12.87 -8.40
C TRP C 74 15.04 13.62 -7.15
N GLN C 75 15.69 14.72 -6.80
CA GLN C 75 15.35 15.41 -5.56
C GLN C 75 14.47 16.62 -5.84
N PRO C 76 13.24 16.60 -5.30
CA PRO C 76 12.36 17.75 -5.44
C PRO C 76 13.03 18.98 -4.85
N PRO C 77 12.64 20.16 -5.32
CA PRO C 77 13.06 21.42 -4.69
C PRO C 77 12.60 21.48 -3.23
N GLU C 78 13.33 22.24 -2.45
CA GLU C 78 13.15 22.27 -1.00
C GLU C 78 11.74 22.68 -0.59
N VAL C 79 11.18 23.71 -1.21
CA VAL C 79 9.86 24.16 -0.80
C VAL C 79 8.86 23.02 -0.98
N ILE C 80 9.08 22.19 -1.99
CA ILE C 80 8.15 21.07 -2.23
C ILE C 80 8.39 19.95 -1.20
N GLN C 81 9.66 19.61 -0.96
CA GLN C 81 9.96 18.61 0.04
C GLN C 81 9.31 19.00 1.38
N GLN C 82 9.41 20.27 1.74
CA GLN C 82 8.90 20.74 3.03
C GLN C 82 7.37 20.83 3.11
N TYR C 83 6.69 21.21 2.03
CA TYR C 83 5.28 21.65 2.13
C TYR C 83 4.28 20.89 1.26
N LEU C 84 4.73 19.97 0.42
CA LEU C 84 3.77 19.19 -0.36
C LEU C 84 3.27 18.02 0.51
N SER C 85 1.98 18.02 0.81
CA SER C 85 1.42 17.14 1.82
C SER C 85 1.30 15.71 1.30
N GLY C 86 1.18 14.76 2.24
CA GLY C 86 0.85 13.37 1.94
C GLY C 86 1.99 12.44 2.25
N GLY C 87 1.76 11.13 2.18
CA GLY C 87 2.84 10.20 2.43
C GLY C 87 2.40 8.76 2.43
N MET C 88 3.38 7.89 2.25
CA MET C 88 3.15 6.45 2.34
C MET C 88 3.29 6.01 3.79
N CYS C 89 2.29 5.31 4.30
CA CYS C 89 2.32 4.87 5.69
C CYS C 89 1.46 3.62 5.84
N GLY C 90 2.11 2.48 6.12
CA GLY C 90 1.40 1.24 6.41
C GLY C 90 1.02 0.42 5.19
N TYR C 91 0.54 -0.80 5.46
CA TYR C 91 0.00 -1.72 4.47
C TYR C 91 -1.37 -2.14 4.95
N ASP C 92 -2.31 -2.32 4.02
CA ASP C 92 -3.62 -2.80 4.40
C ASP C 92 -3.57 -4.32 4.65
N LEU C 93 -4.71 -4.92 4.94
CA LEU C 93 -4.70 -6.31 5.39
C LEU C 93 -4.42 -7.28 4.24
N ASP C 94 -4.58 -6.81 3.01
CA ASP C 94 -4.14 -7.58 1.84
C ASP C 94 -2.63 -7.46 1.57
N GLY C 95 -1.98 -6.54 2.25
CA GLY C 95 -0.56 -6.31 2.01
C GLY C 95 -0.23 -5.17 1.05
N CYS C 96 -1.25 -4.47 0.56
CA CYS C 96 -1.04 -3.33 -0.35
C CYS C 96 -0.56 -2.07 0.39
N PRO C 97 0.34 -1.31 -0.24
CA PRO C 97 0.80 -0.05 0.34
C PRO C 97 -0.35 0.90 0.55
N VAL C 98 -0.30 1.69 1.60
CA VAL C 98 -1.33 2.71 1.82
C VAL C 98 -0.72 4.11 1.65
N TRP C 99 -1.41 4.97 0.90
CA TRP C 99 -0.98 6.36 0.69
C TRP C 99 -2.02 7.31 1.30
N TYR C 100 -1.54 8.31 2.05
CA TYR C 100 -2.35 9.38 2.64
C TYR C 100 -2.21 10.66 1.82
N ASP C 101 -3.33 11.18 1.33
CA ASP C 101 -3.42 12.53 0.79
C ASP C 101 -4.06 13.46 1.82
N ILE C 102 -3.49 14.64 2.01
CA ILE C 102 -3.94 15.60 3.02
C ILE C 102 -4.21 16.93 2.35
N ILE C 103 -5.47 17.18 2.00
CA ILE C 103 -5.84 18.23 1.07
C ILE C 103 -5.95 19.58 1.78
N GLY C 104 -6.55 19.58 2.96
CA GLY C 104 -6.91 20.81 3.63
C GLY C 104 -5.80 21.83 3.77
N PRO C 105 -4.69 21.42 4.40
CA PRO C 105 -3.55 22.33 4.65
C PRO C 105 -2.61 22.56 3.45
N LEU C 106 -2.95 21.99 2.31
CA LEU C 106 -2.18 22.21 1.10
C LEU C 106 -2.34 23.66 0.67
N ASP C 107 -1.21 24.32 0.42
CA ASP C 107 -1.22 25.71 0.00
C ASP C 107 -0.84 25.78 -1.48
N ALA C 108 -1.81 25.64 -2.37
CA ALA C 108 -1.47 25.48 -3.79
C ALA C 108 -0.94 26.78 -4.41
N LYS C 109 -1.47 27.91 -3.96
CA LYS C 109 -0.95 29.21 -4.39
C LYS C 109 0.53 29.38 -4.03
N GLY C 110 0.85 29.16 -2.76
CA GLY C 110 2.24 29.10 -2.34
C GLY C 110 3.13 28.18 -3.13
N LEU C 111 2.65 26.97 -3.43
CA LEU C 111 3.47 26.04 -4.22
C LEU C 111 3.70 26.55 -5.64
N LEU C 112 2.62 26.99 -6.31
CA LEU C 112 2.74 27.46 -7.70
C LEU C 112 3.52 28.79 -7.80
N PHE C 113 3.53 29.58 -6.74
CA PHE C 113 4.33 30.80 -6.72
C PHE C 113 5.81 30.59 -6.33
N SER C 114 6.15 29.38 -5.89
CA SER C 114 7.47 29.07 -5.32
C SER C 114 8.25 28.02 -6.12
N ALA C 115 7.55 27.29 -6.96
CA ALA C 115 8.18 26.22 -7.73
C ALA C 115 7.54 26.15 -9.11
N SER C 116 8.23 25.49 -10.04
CA SER C 116 7.64 25.23 -11.36
C SER C 116 6.54 24.18 -11.30
N LYS C 117 5.56 24.30 -12.19
CA LYS C 117 4.52 23.30 -12.36
C LYS C 117 5.17 21.97 -12.75
N GLN C 118 6.19 22.04 -13.58
CA GLN C 118 6.96 20.87 -13.96
C GLN C 118 7.54 20.08 -12.77
N ASP C 119 8.08 20.77 -11.76
CA ASP C 119 8.72 20.11 -10.64
C ASP C 119 7.71 19.54 -9.65
N LEU C 120 6.60 20.25 -9.51
CA LEU C 120 5.43 19.70 -8.83
C LEU C 120 4.93 18.38 -9.44
N LEU C 121 4.68 18.37 -10.74
CA LEU C 121 4.18 17.16 -11.39
C LEU C 121 5.23 16.04 -11.30
N ARG C 122 6.49 16.39 -11.50
CA ARG C 122 7.59 15.42 -11.36
C ARG C 122 7.62 14.77 -9.97
N THR C 123 7.46 15.58 -8.93
CA THR C 123 7.37 15.08 -7.56
C THR C 123 6.26 14.05 -7.38
N LYS C 124 5.09 14.33 -7.96
CA LYS C 124 3.98 13.40 -7.94
C LYS C 124 4.28 12.09 -8.67
N MET C 125 4.91 12.20 -9.84
CA MET C 125 5.30 11.03 -10.63
C MET C 125 6.22 10.15 -9.81
N ARG C 126 7.13 10.79 -9.09
CA ARG C 126 8.11 10.12 -8.28
C ARG C 126 7.45 9.33 -7.12
N GLU C 127 6.47 9.95 -6.46
CA GLU C 127 5.60 9.26 -5.50
C GLU C 127 4.93 8.01 -6.09
N CYS C 128 4.40 8.11 -7.30
CA CYS C 128 3.80 6.96 -7.96
C CYS C 128 4.84 5.85 -8.17
N GLU C 129 6.04 6.23 -8.61
CA GLU C 129 7.10 5.27 -8.85
C GLU C 129 7.52 4.58 -7.55
N LEU C 130 7.58 5.34 -6.47
CA LEU C 130 7.94 4.78 -5.15
C LEU C 130 6.86 3.83 -4.62
N LEU C 131 5.59 4.14 -4.86
CA LEU C 131 4.49 3.22 -4.53
C LEU C 131 4.57 1.91 -5.33
N LEU C 132 4.88 2.00 -6.61
CA LEU C 132 5.00 0.80 -7.43
C LEU C 132 6.19 -0.05 -7.01
N GLN C 133 7.25 0.61 -6.54
CA GLN C 133 8.43 -0.08 -6.06
C GLN C 133 8.09 -0.80 -4.78
N GLU C 134 7.26 -0.16 -3.95
CA GLU C 134 6.80 -0.79 -2.71
C GLU C 134 5.89 -2.00 -2.97
N CYS C 135 5.07 -1.93 -4.01
CA CYS C 135 4.31 -3.10 -4.47
C CYS C 135 5.23 -4.26 -4.83
N ALA C 136 6.33 -3.94 -5.50
CA ALA C 136 7.31 -4.94 -5.88
C ALA C 136 7.93 -5.59 -4.66
N HIS C 137 8.19 -4.81 -3.62
CA HIS C 137 8.88 -5.35 -2.46
C HIS C 137 7.92 -6.22 -1.64
N GLN C 138 6.69 -5.78 -1.55
CA GLN C 138 5.63 -6.57 -0.92
C GLN C 138 5.41 -7.89 -1.64
N THR C 139 5.53 -7.86 -2.97
CA THR C 139 5.42 -9.08 -3.79
C THR C 139 6.45 -10.14 -3.40
N THR C 140 7.73 -9.75 -3.34
CA THR C 140 8.77 -10.68 -2.91
C THR C 140 8.60 -11.13 -1.45
N LYS C 141 8.21 -10.21 -0.56
CA LYS C 141 7.96 -10.53 0.85
C LYS C 141 6.79 -11.49 1.10
N LEU C 142 5.68 -11.29 0.38
CA LEU C 142 4.47 -12.05 0.66
C LEU C 142 4.33 -13.31 -0.21
N GLY C 143 5.10 -13.42 -1.29
CA GLY C 143 5.12 -14.62 -2.12
C GLY C 143 3.95 -14.68 -3.13
N ARG C 144 3.42 -13.52 -3.44
CA ARG C 144 2.28 -13.39 -4.35
C ARG C 144 2.25 -11.97 -4.90
N LYS C 145 1.81 -11.83 -6.15
CA LYS C 145 1.73 -10.51 -6.80
C LYS C 145 0.89 -9.49 -6.01
N VAL C 146 1.56 -8.39 -5.65
CA VAL C 146 0.90 -7.19 -5.17
C VAL C 146 1.15 -6.02 -6.13
N GLU C 147 0.09 -5.39 -6.62
CA GLU C 147 0.28 -4.40 -7.68
C GLU C 147 -0.71 -3.22 -7.63
N THR C 148 -1.39 -3.07 -6.49
CA THR C 148 -2.33 -1.97 -6.30
C THR C 148 -2.14 -1.31 -4.92
N ILE C 149 -2.79 -0.16 -4.74
CA ILE C 149 -2.58 0.68 -3.58
C ILE C 149 -3.92 1.14 -3.00
N THR C 150 -3.97 1.25 -1.68
CA THR C 150 -5.10 1.88 -1.02
C THR C 150 -4.77 3.31 -0.68
N ILE C 151 -5.70 4.22 -0.96
CA ILE C 151 -5.50 5.63 -0.68
C ILE C 151 -6.50 6.09 0.39
N ILE C 152 -5.99 6.81 1.38
CA ILE C 152 -6.83 7.54 2.32
C ILE C 152 -6.72 9.02 2.01
N TYR C 153 -7.84 9.59 1.59
CA TYR C 153 -7.89 10.92 1.03
C TYR C 153 -8.61 11.84 2.02
N ASP C 154 -7.82 12.59 2.79
CA ASP C 154 -8.36 13.37 3.92
C ASP C 154 -8.75 14.75 3.45
N CYS C 155 -10.07 15.00 3.41
CA CYS C 155 -10.57 16.24 2.88
C CYS C 155 -10.93 17.24 3.98
N GLU C 156 -10.54 16.96 5.21
CA GLU C 156 -10.83 17.91 6.29
C GLU C 156 -10.22 19.26 5.92
N GLY C 157 -11.00 20.32 5.99
CA GLY C 157 -10.50 21.66 5.73
C GLY C 157 -10.45 22.02 4.26
N LEU C 158 -10.97 21.15 3.39
CA LEU C 158 -11.19 21.51 2.00
C LEU C 158 -12.12 22.72 1.93
N GLY C 159 -11.74 23.71 1.12
CA GLY C 159 -12.42 25.00 1.17
C GLY C 159 -12.37 25.74 -0.15
N LEU C 160 -12.94 26.94 -0.19
CA LEU C 160 -13.02 27.68 -1.44
C LEU C 160 -11.63 27.96 -1.98
N LYS C 161 -10.64 28.14 -1.11
CA LYS C 161 -9.26 28.35 -1.57
C LYS C 161 -8.75 27.26 -2.54
N HIS C 162 -9.24 26.03 -2.38
CA HIS C 162 -8.74 24.92 -3.18
C HIS C 162 -9.34 24.92 -4.56
N LEU C 163 -10.30 25.80 -4.82
CA LEU C 163 -10.97 25.84 -6.15
C LEU C 163 -10.32 26.85 -7.09
N TRP C 164 -9.31 27.55 -6.61
CA TRP C 164 -8.49 28.43 -7.45
C TRP C 164 -8.12 27.73 -8.77
N LYS C 165 -8.43 28.37 -9.88
CA LYS C 165 -8.45 27.68 -11.19
C LYS C 165 -7.09 27.07 -11.58
N PRO C 166 -6.01 27.84 -11.45
CA PRO C 166 -4.67 27.31 -11.74
C PRO C 166 -4.31 26.07 -10.92
N ALA C 167 -4.75 25.97 -9.68
CA ALA C 167 -4.49 24.79 -8.85
C ALA C 167 -5.29 23.58 -9.33
N VAL C 168 -6.56 23.80 -9.67
CA VAL C 168 -7.37 22.74 -10.24
C VAL C 168 -6.78 22.24 -11.57
N GLU C 169 -6.34 23.15 -12.43
CA GLU C 169 -5.79 22.71 -13.71
C GLU C 169 -4.45 21.95 -13.54
N ALA C 170 -3.61 22.38 -12.61
CA ALA C 170 -2.39 21.65 -12.30
C ALA C 170 -2.67 20.26 -11.72
N TYR C 171 -3.64 20.16 -10.82
CA TYR C 171 -4.04 18.87 -10.29
C TYR C 171 -4.60 17.97 -11.39
N GLY C 172 -5.39 18.54 -12.30
CA GLY C 172 -5.92 17.78 -13.44
C GLY C 172 -4.79 17.22 -14.31
N GLU C 173 -3.71 17.98 -14.46
CA GLU C 173 -2.55 17.50 -15.22
C GLU C 173 -1.92 16.28 -14.55
N PHE C 174 -1.87 16.29 -13.22
CA PHE C 174 -1.38 15.14 -12.45
C PHE C 174 -2.31 13.93 -12.61
N LEU C 175 -3.61 14.15 -12.46
CA LEU C 175 -4.57 13.08 -12.60
C LEU C 175 -4.52 12.43 -14.00
N CYS C 176 -4.36 13.25 -15.03
CA CYS C 176 -4.18 12.71 -16.38
C CYS C 176 -2.89 11.89 -16.51
N MET C 177 -1.81 12.38 -15.91
CA MET C 177 -0.54 11.68 -15.95
C MET C 177 -0.70 10.33 -15.26
N PHE C 178 -1.40 10.34 -14.13
CA PHE C 178 -1.63 9.12 -13.37
C PHE C 178 -2.49 8.10 -14.15
N GLU C 179 -3.56 8.55 -14.80
CA GLU C 179 -4.42 7.64 -15.55
C GLU C 179 -3.73 7.08 -16.79
N GLU C 180 -2.85 7.86 -17.40
CA GLU C 180 -2.19 7.43 -18.65
C GLU C 180 -0.99 6.55 -18.34
N ASN C 181 -0.42 6.72 -17.17
CA ASN C 181 0.85 6.06 -16.87
C ASN C 181 0.79 4.98 -15.79
N TYR C 182 -0.23 5.05 -14.94
CA TYR C 182 -0.37 4.10 -13.84
C TYR C 182 -1.74 3.48 -13.86
N PRO C 183 -2.15 2.91 -15.00
CA PRO C 183 -3.50 2.37 -15.13
C PRO C 183 -3.69 1.18 -14.20
N GLU C 184 -4.87 1.04 -13.63
CA GLU C 184 -5.25 -0.19 -12.92
C GLU C 184 -4.34 -0.41 -11.71
N THR C 185 -3.95 0.68 -11.08
CA THR C 185 -3.02 0.68 -9.97
C THR C 185 -3.72 1.01 -8.63
N LEU C 186 -4.75 1.83 -8.71
CA LEU C 186 -5.57 2.13 -7.56
C LEU C 186 -6.47 0.93 -7.25
N LYS C 187 -6.40 0.43 -6.01
CA LYS C 187 -7.36 -0.57 -5.55
C LYS C 187 -8.65 0.06 -5.02
N ARG C 188 -8.51 1.09 -4.20
CA ARG C 188 -9.64 1.74 -3.55
C ARG C 188 -9.16 3.05 -2.95
N LEU C 189 -10.04 4.03 -2.93
CA LEU C 189 -9.73 5.32 -2.36
C LEU C 189 -10.84 5.69 -1.38
N PHE C 190 -10.46 5.87 -0.11
CA PHE C 190 -11.43 6.28 0.90
C PHE C 190 -11.38 7.80 1.14
N VAL C 191 -12.49 8.50 0.89
CA VAL C 191 -12.56 9.91 1.21
C VAL C 191 -13.11 10.10 2.63
N VAL C 192 -12.30 10.71 3.49
CA VAL C 192 -12.65 10.89 4.89
C VAL C 192 -12.79 12.37 5.23
N LYS C 193 -13.79 12.66 6.07
CA LYS C 193 -14.04 14.00 6.59
C LYS C 193 -14.35 15.00 5.47
N ALA C 194 -14.99 14.54 4.39
CA ALA C 194 -15.43 15.45 3.35
C ALA C 194 -16.42 16.45 3.93
N PRO C 195 -16.17 17.75 3.67
CA PRO C 195 -17.12 18.81 4.01
C PRO C 195 -18.14 19.08 2.92
N LYS C 196 -19.00 20.06 3.14
CA LYS C 196 -20.14 20.29 2.26
C LYS C 196 -19.68 20.71 0.86
N LEU C 197 -18.47 21.23 0.75
CA LEU C 197 -17.91 21.62 -0.55
C LEU C 197 -17.45 20.45 -1.42
N PHE C 198 -17.42 19.24 -0.86
CA PHE C 198 -16.85 18.10 -1.57
C PHE C 198 -17.49 17.87 -2.97
N PRO C 199 -18.82 17.84 -3.08
CA PRO C 199 -19.46 17.60 -4.40
C PRO C 199 -19.05 18.61 -5.48
N VAL C 200 -18.94 19.89 -5.13
CA VAL C 200 -18.43 20.89 -6.07
C VAL C 200 -16.95 20.64 -6.44
N ALA C 201 -16.09 20.39 -5.46
CA ALA C 201 -14.67 20.15 -5.73
C ALA C 201 -14.50 18.89 -6.58
N TYR C 202 -15.22 17.83 -6.22
CA TYR C 202 -15.11 16.58 -6.96
C TYR C 202 -15.51 16.76 -8.42
N ASN C 203 -16.61 17.48 -8.65
CA ASN C 203 -17.07 17.77 -10.01
C ASN C 203 -16.01 18.41 -10.90
N LEU C 204 -15.16 19.25 -10.29
CA LEU C 204 -14.10 19.93 -11.04
C LEU C 204 -13.06 18.98 -11.62
N ILE C 205 -12.78 17.88 -10.93
CA ILE C 205 -11.73 16.95 -11.39
C ILE C 205 -12.27 15.64 -11.95
N LYS C 206 -13.57 15.38 -11.76
CA LYS C 206 -14.25 14.22 -12.32
C LYS C 206 -13.86 13.94 -13.79
N PRO C 207 -13.81 14.97 -14.62
CA PRO C 207 -13.54 14.78 -16.06
C PRO C 207 -12.16 14.17 -16.30
N PHE C 208 -11.24 14.31 -15.35
CA PHE C 208 -9.88 13.80 -15.47
C PHE C 208 -9.76 12.34 -15.03
N LEU C 209 -10.82 11.80 -14.44
CA LEU C 209 -10.80 10.44 -13.92
C LEU C 209 -11.38 9.43 -14.90
N SER C 210 -10.71 8.30 -15.02
CA SER C 210 -11.24 7.17 -15.76
C SER C 210 -12.43 6.58 -15.00
N GLU C 211 -13.29 5.86 -15.72
CA GLU C 211 -14.42 5.23 -15.07
C GLU C 211 -13.96 4.18 -14.05
N ASP C 212 -12.84 3.52 -14.31
CA ASP C 212 -12.26 2.62 -13.31
C ASP C 212 -11.92 3.33 -12.01
N THR C 213 -11.28 4.49 -12.11
CA THR C 213 -10.98 5.26 -10.92
C THR C 213 -12.25 5.70 -10.21
N ARG C 214 -13.23 6.19 -10.98
CA ARG C 214 -14.43 6.75 -10.37
C ARG C 214 -15.08 5.68 -9.50
N LYS C 215 -15.13 4.47 -10.03
CA LYS C 215 -15.73 3.31 -9.35
C LYS C 215 -15.05 2.97 -8.03
N LYS C 216 -13.78 3.35 -7.90
CA LYS C 216 -12.98 2.94 -6.75
C LYS C 216 -13.02 3.97 -5.60
N ILE C 217 -13.68 5.09 -5.84
CA ILE C 217 -13.81 6.13 -4.83
C ILE C 217 -14.98 5.85 -3.90
N MET C 218 -14.68 5.76 -2.61
CA MET C 218 -15.68 5.45 -1.61
C MET C 218 -15.74 6.62 -0.62
N VAL C 219 -16.84 7.36 -0.64
CA VAL C 219 -16.97 8.48 0.28
C VAL C 219 -17.50 7.99 1.64
N LEU C 220 -16.72 8.20 2.70
CA LEU C 220 -17.12 7.68 4.01
C LEU C 220 -17.90 8.70 4.86
N GLY C 221 -18.58 8.21 5.89
CA GLY C 221 -19.44 9.04 6.72
C GLY C 221 -18.80 9.25 8.08
N ALA C 222 -19.63 9.41 9.12
CA ALA C 222 -19.12 9.75 10.44
C ALA C 222 -18.29 8.62 11.08
N ASN C 223 -18.61 7.38 10.75
CA ASN C 223 -17.88 6.21 11.25
C ASN C 223 -16.64 5.82 10.41
N TRP C 224 -15.98 6.82 9.82
CA TRP C 224 -14.90 6.54 8.86
C TRP C 224 -13.72 5.78 9.51
N LYS C 225 -13.38 6.13 10.75
CA LYS C 225 -12.34 5.37 11.45
C LYS C 225 -12.67 3.88 11.58
N GLU C 226 -13.91 3.57 11.92
CA GLU C 226 -14.39 2.19 11.94
C GLU C 226 -14.19 1.49 10.60
N VAL C 227 -14.54 2.16 9.50
CA VAL C 227 -14.44 1.55 8.18
C VAL C 227 -12.97 1.23 7.81
N LEU C 228 -12.11 2.22 8.01
CA LEU C 228 -10.69 2.00 7.78
C LEU C 228 -10.16 0.76 8.53
N LEU C 229 -10.63 0.56 9.76
CA LEU C 229 -10.17 -0.59 10.54
C LEU C 229 -10.84 -1.91 10.12
N LYS C 230 -11.78 -1.86 9.18
CA LYS C 230 -12.20 -3.08 8.49
C LYS C 230 -11.15 -3.56 7.48
N HIS C 231 -10.21 -2.66 7.13
CA HIS C 231 -9.37 -2.86 5.94
C HIS C 231 -7.87 -2.81 6.23
N ILE C 232 -7.53 -2.23 7.38
CA ILE C 232 -6.14 -2.00 7.76
C ILE C 232 -5.96 -2.30 9.23
N SER C 233 -4.90 -3.04 9.56
CA SER C 233 -4.62 -3.37 10.94
C SER C 233 -4.36 -2.09 11.74
N PRO C 234 -4.94 -1.99 12.95
CA PRO C 234 -4.74 -0.80 13.77
C PRO C 234 -3.28 -0.36 13.84
N ASP C 235 -2.30 -1.27 14.02
CA ASP C 235 -0.92 -0.82 14.14
C ASP C 235 -0.33 -0.26 12.84
N GLN C 236 -1.07 -0.39 11.75
CA GLN C 236 -0.65 0.17 10.45
C GLN C 236 -1.21 1.57 10.19
N VAL C 237 -2.08 2.04 11.08
CA VAL C 237 -2.79 3.32 10.87
C VAL C 237 -2.38 4.32 11.95
N PRO C 238 -1.97 5.53 11.57
CA PRO C 238 -1.63 6.56 12.56
C PRO C 238 -2.76 6.72 13.58
N VAL C 239 -2.43 7.05 14.83
CA VAL C 239 -3.45 7.41 15.81
C VAL C 239 -4.38 8.50 15.28
N GLU C 240 -3.83 9.47 14.55
CA GLU C 240 -4.61 10.51 13.90
C GLU C 240 -5.80 9.98 13.07
N TYR C 241 -5.65 8.80 12.47
CA TYR C 241 -6.67 8.21 11.58
C TYR C 241 -7.31 6.96 12.19
N GLY C 242 -7.11 6.79 13.50
CA GLY C 242 -7.86 5.82 14.30
C GLY C 242 -7.09 4.58 14.71
N GLY C 243 -5.85 4.46 14.25
CA GLY C 243 -5.03 3.32 14.56
C GLY C 243 -4.19 3.55 15.80
N THR C 244 -3.13 2.79 15.95
CA THR C 244 -2.24 2.92 17.10
C THR C 244 -0.83 3.34 16.72
N MET C 245 -0.58 3.65 15.45
CA MET C 245 0.80 3.96 15.07
C MET C 245 1.17 5.38 15.45
N THR C 246 2.38 5.56 15.97
CA THR C 246 2.94 6.89 16.20
C THR C 246 4.35 7.00 15.64
N ASP C 247 4.84 8.23 15.54
CA ASP C 247 6.28 8.51 15.51
C ASP C 247 6.99 7.96 16.75
N PRO C 248 8.28 7.62 16.63
CA PRO C 248 9.04 7.08 17.76
C PRO C 248 8.96 7.97 19.00
N ASP C 249 8.68 9.25 18.80
CA ASP C 249 8.62 10.23 19.87
C ASP C 249 7.20 10.42 20.40
N GLY C 250 6.26 9.64 19.90
CA GLY C 250 4.90 9.63 20.42
C GLY C 250 3.88 10.37 19.57
N ASN C 251 4.35 11.20 18.64
CA ASN C 251 3.44 12.00 17.83
C ASN C 251 2.44 11.13 17.04
N PRO C 252 1.15 11.35 17.27
CA PRO C 252 0.10 10.49 16.71
C PRO C 252 -0.13 10.66 15.20
N LYS C 253 0.44 11.71 14.63
CA LYS C 253 0.25 12.00 13.21
C LYS C 253 1.27 11.29 12.28
N CYS C 254 2.28 10.65 12.89
CA CYS C 254 3.29 9.91 12.11
C CYS C 254 3.87 10.82 11.04
N LYS C 255 4.39 11.97 11.48
CA LYS C 255 4.96 12.98 10.61
C LYS C 255 6.29 12.54 9.99
N SER C 256 6.92 11.52 10.55
CA SER C 256 8.11 10.95 9.90
C SER C 256 7.75 10.30 8.53
N LYS C 257 6.46 10.02 8.33
CA LYS C 257 5.98 9.37 7.11
C LYS C 257 5.03 10.26 6.30
N ILE C 258 4.16 10.96 7.00
CA ILE C 258 3.15 11.78 6.35
C ILE C 258 3.45 13.27 6.54
N ASN C 259 3.55 13.99 5.42
CA ASN C 259 3.69 15.44 5.42
C ASN C 259 2.31 16.11 5.50
N TYR C 260 2.18 17.11 6.37
CA TYR C 260 0.88 17.75 6.59
C TYR C 260 0.78 19.16 6.02
N GLY C 261 1.64 19.50 5.07
CA GLY C 261 1.45 20.72 4.29
C GLY C 261 1.64 21.96 5.16
N GLY C 262 0.79 22.97 4.99
CA GLY C 262 0.92 24.22 5.72
C GLY C 262 1.20 25.34 4.73
N ASP C 263 1.05 26.59 5.18
CA ASP C 263 1.24 27.72 4.29
C ASP C 263 2.72 27.94 3.98
N ILE C 264 3.05 28.17 2.71
CA ILE C 264 4.45 28.36 2.33
C ILE C 264 4.88 29.78 2.78
N PRO C 265 5.95 29.87 3.57
CA PRO C 265 6.54 31.17 3.90
C PRO C 265 6.80 32.02 2.64
N ARG C 266 6.48 33.30 2.70
CA ARG C 266 6.66 34.19 1.55
C ARG C 266 8.08 34.26 1.03
N LYS C 267 9.07 33.96 1.86
CA LYS C 267 10.46 34.00 1.40
C LYS C 267 10.75 33.02 0.25
N TYR C 268 9.93 31.97 0.11
CA TYR C 268 10.09 31.01 -0.98
C TYR C 268 9.53 31.50 -2.33
N TYR C 269 8.66 32.52 -2.31
CA TYR C 269 7.94 32.95 -3.51
C TYR C 269 8.91 33.50 -4.55
N VAL C 270 8.70 33.14 -5.81
CA VAL C 270 9.50 33.67 -6.89
C VAL C 270 8.65 34.48 -7.89
N ARG C 271 7.35 34.57 -7.63
CA ARG C 271 6.42 35.33 -8.46
C ARG C 271 5.20 35.63 -7.61
N ASP C 272 4.35 36.56 -8.05
CA ASP C 272 3.14 36.85 -7.31
C ASP C 272 1.88 36.48 -8.12
N GLN C 273 2.08 35.81 -9.25
CA GLN C 273 0.95 35.37 -10.07
C GLN C 273 1.44 34.35 -11.06
N VAL C 274 0.53 33.56 -11.62
CA VAL C 274 0.90 32.70 -12.75
C VAL C 274 0.30 33.22 -14.06
N LYS C 275 0.80 32.72 -15.18
CA LYS C 275 0.24 33.03 -16.49
C LYS C 275 -1.24 32.63 -16.55
N GLN C 276 -2.06 33.53 -17.09
CA GLN C 276 -3.50 33.28 -17.19
C GLN C 276 -4.07 33.83 -18.50
N GLN C 277 -5.13 33.18 -18.98
CA GLN C 277 -5.90 33.65 -20.13
C GLN C 277 -7.34 33.86 -19.72
N TYR C 278 -8.06 34.70 -20.45
CA TYR C 278 -9.41 35.13 -20.05
C TYR C 278 -10.44 34.89 -21.17
N GLU C 279 -11.66 34.52 -20.77
CA GLU C 279 -12.68 34.09 -21.74
C GLU C 279 -13.42 35.28 -22.34
N HIS C 280 -13.34 36.43 -21.68
CA HIS C 280 -14.06 37.61 -22.14
C HIS C 280 -13.23 38.88 -21.97
N SER C 281 -13.58 39.90 -22.74
CA SER C 281 -12.90 41.17 -22.70
C SER C 281 -13.94 42.27 -22.92
N VAL C 282 -13.87 43.35 -22.13
CA VAL C 282 -14.73 44.51 -22.32
C VAL C 282 -13.93 45.79 -22.20
N GLN C 283 -14.20 46.74 -23.09
CA GLN C 283 -13.81 48.11 -22.84
C GLN C 283 -14.96 48.87 -22.18
N ILE C 284 -14.73 49.32 -20.95
CA ILE C 284 -15.74 50.06 -20.22
C ILE C 284 -15.54 51.55 -20.43
N SER C 285 -16.57 52.26 -20.88
CA SER C 285 -16.42 53.70 -21.13
C SER C 285 -16.11 54.44 -19.84
N ARG C 286 -15.53 55.63 -19.98
CA ARG C 286 -15.45 56.55 -18.87
C ARG C 286 -16.81 56.66 -18.18
N GLY C 287 -16.80 56.74 -16.85
CA GLY C 287 -18.00 57.01 -16.09
C GLY C 287 -19.03 55.89 -16.05
N SER C 288 -18.63 54.69 -16.45
CA SER C 288 -19.59 53.61 -16.73
C SER C 288 -19.24 52.35 -15.97
N SER C 289 -20.13 51.36 -16.04
CA SER C 289 -19.93 50.07 -15.41
C SER C 289 -20.31 49.01 -16.44
N HIS C 290 -19.91 47.77 -16.19
CA HIS C 290 -20.33 46.67 -17.04
C HIS C 290 -20.81 45.50 -16.19
N GLN C 291 -22.04 45.06 -16.43
CA GLN C 291 -22.69 44.00 -15.65
C GLN C 291 -22.59 42.69 -16.41
N VAL C 292 -22.21 41.63 -15.70
CA VAL C 292 -22.18 40.29 -16.23
C VAL C 292 -23.14 39.41 -15.45
N GLU C 293 -24.05 38.76 -16.17
CA GLU C 293 -25.19 38.11 -15.56
C GLU C 293 -25.05 36.59 -15.61
N TYR C 294 -25.29 35.92 -14.49
CA TYR C 294 -25.37 34.45 -14.46
C TYR C 294 -26.57 33.98 -13.67
N GLU C 295 -27.37 33.09 -14.26
CA GLU C 295 -28.43 32.41 -13.54
C GLU C 295 -27.84 31.30 -12.69
N ILE C 296 -28.17 31.29 -11.40
CA ILE C 296 -27.90 30.11 -10.58
C ILE C 296 -29.21 29.44 -10.18
N LEU C 297 -29.39 28.18 -10.58
CA LEU C 297 -30.67 27.52 -10.31
C LEU C 297 -30.54 26.51 -9.17
N PHE C 298 -29.48 25.73 -9.20
CA PHE C 298 -29.30 24.65 -8.25
C PHE C 298 -28.65 25.18 -6.96
N PRO C 299 -29.14 24.75 -5.81
CA PRO C 299 -28.49 25.10 -4.55
C PRO C 299 -27.09 24.48 -4.49
N GLY C 300 -26.16 25.17 -3.86
CA GLY C 300 -24.85 24.60 -3.62
C GLY C 300 -23.84 24.97 -4.69
N CYS C 301 -24.24 25.81 -5.64
CA CYS C 301 -23.31 26.25 -6.68
C CYS C 301 -22.33 27.25 -6.11
N VAL C 302 -21.17 27.36 -6.76
CA VAL C 302 -20.12 28.29 -6.40
C VAL C 302 -19.81 29.10 -7.65
N LEU C 303 -19.81 30.42 -7.51
CA LEU C 303 -19.34 31.33 -8.54
C LEU C 303 -17.83 31.49 -8.42
N ARG C 304 -17.11 31.28 -9.52
CA ARG C 304 -15.66 31.47 -9.49
C ARG C 304 -15.22 32.43 -10.57
N TRP C 305 -14.40 33.42 -10.22
CA TRP C 305 -14.00 34.42 -11.21
C TRP C 305 -12.52 34.72 -11.16
N GLN C 306 -12.02 35.24 -12.27
CA GLN C 306 -10.72 35.87 -12.31
C GLN C 306 -10.79 37.06 -13.26
N PHE C 307 -10.04 38.11 -12.95
CA PHE C 307 -9.98 39.24 -13.90
C PHE C 307 -8.69 40.06 -13.78
N MET C 308 -8.36 40.76 -14.85
CA MET C 308 -7.31 41.74 -14.80
C MET C 308 -7.82 42.97 -15.51
N SER C 309 -7.17 44.10 -15.28
CA SER C 309 -7.52 45.33 -15.95
C SER C 309 -6.23 45.90 -16.52
N ASP C 310 -6.37 46.78 -17.50
CA ASP C 310 -5.21 47.26 -18.24
C ASP C 310 -4.74 48.64 -17.76
N GLY C 311 -3.54 48.70 -17.19
CA GLY C 311 -2.94 49.96 -16.79
C GLY C 311 -3.52 50.70 -15.59
N ALA C 312 -4.71 50.31 -15.14
CA ALA C 312 -5.36 50.99 -14.01
C ALA C 312 -6.30 50.05 -13.30
N ASP C 313 -6.67 50.41 -12.06
CA ASP C 313 -7.50 49.57 -11.21
C ASP C 313 -8.94 49.60 -11.74
N VAL C 314 -9.78 48.76 -11.15
CA VAL C 314 -11.19 48.74 -11.52
C VAL C 314 -11.97 48.36 -10.26
N GLY C 315 -13.22 48.80 -10.18
CA GLY C 315 -14.08 48.37 -9.10
C GLY C 315 -14.78 47.08 -9.49
N PHE C 316 -15.15 46.31 -8.49
CA PHE C 316 -15.78 45.02 -8.70
C PHE C 316 -16.66 44.70 -7.50
N GLY C 317 -17.87 44.21 -7.76
CA GLY C 317 -18.81 43.82 -6.73
C GLY C 317 -19.77 42.78 -7.30
N ILE C 318 -20.46 42.05 -6.43
CA ILE C 318 -21.44 41.08 -6.92
C ILE C 318 -22.81 41.38 -6.33
N PHE C 319 -23.84 41.25 -7.17
CA PHE C 319 -25.19 41.60 -6.80
C PHE C 319 -26.13 40.46 -7.10
N LEU C 320 -27.26 40.44 -6.41
CA LEU C 320 -28.32 39.49 -6.73
C LEU C 320 -29.58 40.24 -7.14
N LYS C 321 -30.13 39.87 -8.30
CA LYS C 321 -31.29 40.58 -8.86
C LYS C 321 -32.58 40.35 -8.09
N LYS C 322 -33.46 41.35 -8.13
CA LYS C 322 -34.57 41.45 -7.21
C LYS C 322 -35.89 41.37 -7.97
N LYS C 323 -35.90 41.95 -9.17
CA LYS C 323 -37.08 41.93 -10.03
C LYS C 323 -36.79 41.20 -11.35
N MET C 324 -37.86 40.83 -12.07
CA MET C 324 -37.74 40.01 -13.28
C MET C 324 -37.94 40.84 -14.55
N GLY C 325 -36.91 40.87 -15.40
CA GLY C 325 -36.95 41.70 -16.60
C GLY C 325 -35.61 42.38 -16.87
N GLU C 326 -35.66 43.69 -17.11
CA GLU C 326 -34.52 44.43 -17.65
C GLU C 326 -33.32 44.48 -16.69
N ARG C 327 -32.28 45.20 -17.10
CA ARG C 327 -31.23 45.61 -16.17
C ARG C 327 -31.81 46.27 -14.93
N GLN C 328 -31.18 46.02 -13.79
CA GLN C 328 -31.37 46.83 -12.60
C GLN C 328 -30.12 47.66 -12.34
N ARG C 329 -30.33 48.84 -11.76
CA ARG C 329 -29.25 49.60 -11.14
C ARG C 329 -28.68 48.87 -9.94
N ALA C 330 -27.36 49.02 -9.74
CA ALA C 330 -26.69 48.43 -8.60
C ALA C 330 -27.43 48.73 -7.30
N GLY C 331 -27.94 49.95 -7.19
CA GLY C 331 -28.62 50.39 -5.99
C GLY C 331 -29.88 49.59 -5.74
N GLU C 332 -30.41 48.98 -6.80
CA GLU C 332 -31.71 48.32 -6.73
C GLU C 332 -31.57 46.84 -6.35
N MET C 333 -30.39 46.28 -6.62
CA MET C 333 -30.15 44.86 -6.39
C MET C 333 -29.64 44.60 -4.98
N THR C 334 -29.54 43.33 -4.61
CA THR C 334 -29.01 42.92 -3.32
C THR C 334 -27.51 42.74 -3.41
N GLU C 335 -26.76 43.48 -2.60
CA GLU C 335 -25.30 43.47 -2.72
C GLU C 335 -24.70 42.33 -1.89
N VAL C 336 -24.13 41.34 -2.56
CA VAL C 336 -23.65 40.14 -1.87
C VAL C 336 -22.13 40.11 -1.70
N LEU C 337 -21.41 40.75 -2.62
CA LEU C 337 -20.02 41.12 -2.35
C LEU C 337 -19.87 42.62 -2.52
N PRO C 338 -19.65 43.33 -1.43
CA PRO C 338 -19.63 44.80 -1.50
C PRO C 338 -18.62 45.29 -2.54
N ASN C 339 -19.01 46.31 -3.28
CA ASN C 339 -18.18 46.94 -4.29
C ASN C 339 -16.87 47.51 -3.69
N GLN C 340 -15.73 47.22 -4.32
CA GLN C 340 -14.43 47.71 -3.84
C GLN C 340 -13.56 47.92 -5.07
N ARG C 341 -12.55 48.79 -4.99
CA ARG C 341 -11.60 48.90 -6.10
C ARG C 341 -10.45 47.92 -5.86
N TYR C 342 -9.97 47.30 -6.93
CA TYR C 342 -8.89 46.31 -6.84
C TYR C 342 -7.77 46.69 -7.77
N ASN C 343 -6.52 46.43 -7.36
CA ASN C 343 -5.37 46.75 -8.20
C ASN C 343 -5.10 45.64 -9.21
N SER C 344 -6.11 45.32 -10.01
CA SER C 344 -6.11 44.19 -10.94
C SER C 344 -5.26 44.46 -12.18
N HIS C 345 -4.67 45.65 -12.25
CA HIS C 345 -3.66 45.98 -13.25
C HIS C 345 -2.28 45.52 -12.81
N LEU C 346 -2.11 45.29 -11.51
CA LEU C 346 -0.80 44.91 -10.95
C LEU C 346 -0.74 43.44 -10.60
N VAL C 347 -1.78 42.94 -9.94
CA VAL C 347 -1.95 41.52 -9.69
C VAL C 347 -3.39 41.18 -10.02
N PRO C 348 -3.62 40.17 -10.85
CA PRO C 348 -4.98 39.86 -11.26
C PRO C 348 -5.74 39.38 -10.05
N GLU C 349 -7.04 39.65 -10.05
CA GLU C 349 -7.92 39.23 -8.98
C GLU C 349 -8.49 37.85 -9.29
N ASP C 350 -8.78 37.11 -8.22
CA ASP C 350 -9.62 35.94 -8.36
C ASP C 350 -10.46 35.78 -7.11
N GLY C 351 -11.55 35.04 -7.21
CA GLY C 351 -12.34 34.77 -6.02
C GLY C 351 -13.44 33.76 -6.25
N THR C 352 -14.16 33.44 -5.18
CA THR C 352 -15.25 32.49 -5.24
C THR C 352 -16.32 32.93 -4.30
N LEU C 353 -17.55 32.56 -4.60
CA LEU C 353 -18.67 32.86 -3.74
C LEU C 353 -19.61 31.67 -3.77
N THR C 354 -19.95 31.16 -2.60
CA THR C 354 -20.99 30.15 -2.54
C THR C 354 -22.35 30.84 -2.70
N CYS C 355 -23.14 30.33 -3.64
CA CYS C 355 -24.47 30.87 -3.88
C CYS C 355 -25.50 29.97 -3.22
N SER C 356 -25.82 30.26 -1.98
CA SER C 356 -26.91 29.56 -1.28
C SER C 356 -28.24 29.76 -1.98
N ASP C 357 -28.65 31.02 -2.12
CA ASP C 357 -29.91 31.37 -2.78
C ASP C 357 -29.77 31.28 -4.30
N PRO C 358 -30.49 30.35 -4.91
CA PRO C 358 -30.76 30.43 -6.35
C PRO C 358 -31.26 31.82 -6.71
N GLY C 359 -30.81 32.33 -7.85
CA GLY C 359 -31.36 33.56 -8.42
C GLY C 359 -30.48 34.02 -9.56
N ILE C 360 -30.65 35.27 -9.97
CA ILE C 360 -29.81 35.83 -11.03
C ILE C 360 -28.69 36.69 -10.45
N TYR C 361 -27.45 36.22 -10.59
CA TYR C 361 -26.30 36.91 -10.01
C TYR C 361 -25.67 37.85 -11.03
N VAL C 362 -25.28 39.04 -10.58
CA VAL C 362 -24.66 40.04 -11.43
C VAL C 362 -23.26 40.41 -10.92
N LEU C 363 -22.26 40.17 -11.74
CA LEU C 363 -20.91 40.64 -11.43
C LEU C 363 -20.70 41.97 -12.15
N ARG C 364 -20.34 43.00 -11.38
CA ARG C 364 -20.36 44.35 -11.90
C ARG C 364 -18.97 44.93 -11.87
N PHE C 365 -18.42 45.20 -13.06
CA PHE C 365 -17.18 45.96 -13.12
C PHE C 365 -17.46 47.46 -13.17
N ASP C 366 -16.81 48.18 -12.28
CA ASP C 366 -17.16 49.55 -12.02
C ASP C 366 -16.04 50.50 -12.50
N ASN C 367 -16.38 51.33 -13.47
CA ASN C 367 -15.52 52.44 -13.91
C ASN C 367 -16.20 53.80 -13.74
N THR C 368 -17.22 53.87 -12.89
CA THR C 368 -18.03 55.09 -12.80
C THR C 368 -17.24 56.25 -12.17
N TYR C 369 -16.22 55.93 -11.39
CA TYR C 369 -15.44 56.96 -10.70
C TYR C 369 -14.38 57.58 -11.60
N SER C 370 -14.28 57.07 -12.83
CA SER C 370 -13.17 57.41 -13.71
C SER C 370 -13.63 58.27 -14.90
N PHE C 371 -13.36 59.57 -14.82
CA PHE C 371 -14.13 60.58 -15.51
C PHE C 371 -13.62 60.69 -16.95
N ILE C 372 -12.32 60.47 -17.14
CA ILE C 372 -11.68 60.72 -18.42
C ILE C 372 -11.51 59.44 -19.24
N HIS C 373 -10.92 58.42 -18.61
CA HIS C 373 -10.36 57.27 -19.31
C HIS C 373 -11.30 56.06 -19.24
N ALA C 374 -11.50 55.42 -20.39
CA ALA C 374 -12.11 54.09 -20.42
C ALA C 374 -11.24 53.05 -19.72
N LYS C 375 -11.71 51.82 -19.63
CA LYS C 375 -11.03 50.79 -18.85
C LYS C 375 -11.20 49.43 -19.54
N LYS C 376 -10.09 48.78 -19.87
CA LYS C 376 -10.16 47.44 -20.43
C LYS C 376 -10.03 46.38 -19.34
N VAL C 377 -11.02 45.48 -19.30
CA VAL C 377 -11.06 44.42 -18.32
C VAL C 377 -11.11 43.09 -19.03
N ASN C 378 -10.30 42.15 -18.57
CA ASN C 378 -10.34 40.79 -19.07
C ASN C 378 -10.80 39.87 -17.98
N PHE C 379 -11.71 38.95 -18.29
CA PHE C 379 -12.35 38.21 -17.19
C PHE C 379 -12.83 36.82 -17.59
N THR C 380 -12.87 35.93 -16.62
CA THR C 380 -13.49 34.63 -16.80
C THR C 380 -14.36 34.43 -15.58
N VAL C 381 -15.58 33.95 -15.79
CA VAL C 381 -16.48 33.63 -14.68
C VAL C 381 -17.10 32.28 -14.98
N GLU C 382 -17.23 31.44 -13.96
CA GLU C 382 -17.93 30.14 -14.16
C GLU C 382 -18.84 29.86 -12.99
N VAL C 383 -19.93 29.14 -13.25
CA VAL C 383 -20.80 28.65 -12.20
C VAL C 383 -20.40 27.20 -11.98
N LEU C 384 -19.89 26.88 -10.79
CA LEU C 384 -19.46 25.51 -10.49
C LEU C 384 -20.59 24.72 -9.82
N LEU C 385 -21.02 23.66 -10.49
CA LEU C 385 -22.10 22.81 -10.01
C LEU C 385 -21.59 21.66 -9.13
N PRO C 386 -22.38 21.29 -8.12
CA PRO C 386 -22.14 20.08 -7.36
C PRO C 386 -22.34 18.82 -8.22
N ASP C 387 -21.50 17.82 -8.01
CA ASP C 387 -21.72 16.52 -8.59
C ASP C 387 -22.90 15.83 -7.92
N LYS C 388 -23.91 15.45 -8.68
CA LYS C 388 -25.18 15.10 -8.07
C LYS C 388 -25.06 13.78 -7.30
N ALA C 389 -24.45 12.77 -7.90
CA ALA C 389 -24.26 11.52 -7.17
C ALA C 389 -23.49 11.74 -5.85
N SER C 390 -22.50 12.61 -5.88
CA SER C 390 -21.70 12.96 -4.68
C SER C 390 -22.56 13.58 -3.58
N GLU C 391 -23.38 14.58 -3.96
CA GLU C 391 -24.38 15.17 -3.06
C GLU C 391 -25.23 14.10 -2.45
N GLU C 392 -25.77 13.23 -3.30
CA GLU C 392 -26.75 12.26 -2.86
C GLU C 392 -26.09 11.24 -1.94
N LYS C 393 -24.86 10.87 -2.26
CA LYS C 393 -24.13 9.92 -1.43
C LYS C 393 -23.93 10.50 -0.03
N MET C 394 -23.58 11.77 0.04
CA MET C 394 -23.33 12.39 1.34
C MET C 394 -24.62 12.57 2.15
N LYS C 395 -25.69 12.92 1.44
CA LYS C 395 -27.01 13.04 2.08
C LYS C 395 -27.41 11.73 2.74
N GLN C 396 -27.42 10.65 1.96
CA GLN C 396 -27.85 9.34 2.45
C GLN C 396 -26.83 8.82 3.45
N LEU C 397 -25.58 9.15 3.20
CA LEU C 397 -24.58 9.38 4.24
C LEU C 397 -23.69 8.17 4.46
#